data_2P0A
#
_entry.id   2P0A
#
_cell.length_a   130.796
_cell.length_b   73.186
_cell.length_c   78.398
_cell.angle_alpha   90.00
_cell.angle_beta   100.74
_cell.angle_gamma   90.00
#
_symmetry.space_group_name_H-M   'C 1 2 1'
#
loop_
_entity.id
_entity.type
_entity.pdbx_description
1 polymer Synapsin-3
2 non-polymer 'CHLORIDE ION'
3 non-polymer 'SULFATE ION'
4 non-polymer 'PHOSPHOAMINOPHOSPHONIC ACID-ADENYLATE ESTER'
5 non-polymer 1,2-ETHANEDIOL
6 water water
#
_entity_poly.entity_id   1
_entity_poly.type   'polypeptide(L)'
_entity_poly.pdbx_seq_one_letter_code
;SMGLMEPPGPSTPIVQRPRILLVIDDAHTDWSKYFHGKKVNGEIEIRVEQAEFSELNLAAYVTGGCMVDMQVVRNGTKVV
SRSFKPDFILVRQHAYSMALGEDYRSLVIGLQYGGLPAVNSLYSVYNFCSKPWVFSQLIKIFHSLGPEKFPLVEQTFFPN
HKPMVTAPHFPVVVKLGHAHAGMGKIKVENQLDFQDITSVVAMAKTYATTEAFIDSKYDIRIQKIGSNYKAYMRTSISGN
WKANTGSAMLEQVAMTERYRLWVDSCSEMFGGLDICAVKAVHSKDGRDYIIEVMDSSMPLIGEHVEEDRQLMADLVVSKM
SQLPMPGGTAPSPLRPWAPQIKSA
;
_entity_poly.pdbx_strand_id   A,B
#
loop_
_chem_comp.id
_chem_comp.type
_chem_comp.name
_chem_comp.formula
ANP non-polymer 'PHOSPHOAMINOPHOSPHONIC ACID-ADENYLATE ESTER' 'C10 H17 N6 O12 P3'
CL non-polymer 'CHLORIDE ION' 'Cl -1'
EDO non-polymer 1,2-ETHANEDIOL 'C2 H6 O2'
SO4 non-polymer 'SULFATE ION' 'O4 S -2'
#
# COMPACT_ATOMS: atom_id res chain seq x y z
N ARG A 17 -30.56 -17.63 0.33
CA ARG A 17 -30.05 -16.91 1.54
C ARG A 17 -29.73 -15.46 1.20
N PRO A 18 -29.96 -14.53 2.15
CA PRO A 18 -29.61 -13.13 1.90
C PRO A 18 -28.12 -12.89 1.68
N ARG A 19 -27.80 -11.94 0.80
CA ARG A 19 -26.43 -11.45 0.66
C ARG A 19 -26.14 -10.52 1.83
N ILE A 20 -25.04 -10.77 2.52
CA ILE A 20 -24.67 -9.95 3.68
C ILE A 20 -23.76 -8.77 3.25
N LEU A 21 -24.25 -7.55 3.46
CA LEU A 21 -23.43 -6.35 3.37
C LEU A 21 -22.94 -5.95 4.75
N LEU A 22 -21.64 -5.78 4.89
CA LEU A 22 -21.05 -5.18 6.08
C LEU A 22 -20.72 -3.73 5.82
N VAL A 23 -21.41 -2.81 6.50
CA VAL A 23 -21.04 -1.39 6.45
C VAL A 23 -20.15 -1.11 7.64
N ILE A 24 -18.92 -0.68 7.37
CA ILE A 24 -17.99 -0.32 8.41
C ILE A 24 -18.03 1.20 8.56
N ASP A 25 -18.53 1.66 9.68
CA ASP A 25 -18.74 3.08 9.89
C ASP A 25 -18.77 3.43 11.37
N ASP A 26 -18.27 4.62 11.67
CA ASP A 26 -18.34 5.19 13.02
C ASP A 26 -19.43 6.28 13.16
N ALA A 27 -20.09 6.63 12.07
CA ALA A 27 -21.12 7.68 12.07
C ALA A 27 -22.34 7.19 12.82
N HIS A 28 -23.00 8.12 13.53
CA HIS A 28 -24.25 7.81 14.21
C HIS A 28 -25.41 7.83 13.20
N THR A 29 -25.57 6.70 12.52
CA THR A 29 -26.56 6.52 11.47
C THR A 29 -26.87 5.02 11.38
N ASP A 30 -28.09 4.70 10.99
CA ASP A 30 -28.53 3.34 10.79
C ASP A 30 -28.54 3.06 9.27
N TRP A 31 -27.53 2.33 8.79
CA TRP A 31 -27.38 2.13 7.35
C TRP A 31 -28.47 1.28 6.72
N SER A 32 -29.16 0.47 7.50
CA SER A 32 -30.15 -0.43 6.94
C SER A 32 -31.28 0.36 6.27
N LYS A 33 -31.55 1.57 6.77
CA LYS A 33 -32.66 2.37 6.29
C LYS A 33 -32.48 2.79 4.84
N TYR A 34 -31.23 2.89 4.38
CA TYR A 34 -30.93 3.27 2.99
C TYR A 34 -31.03 2.10 2.03
N PHE A 35 -31.09 0.89 2.58
CA PHE A 35 -31.17 -0.33 1.75
C PHE A 35 -32.55 -0.96 1.73
N HIS A 36 -33.53 -0.34 2.41
CA HIS A 36 -34.89 -0.88 2.48
C HIS A 36 -35.47 -1.10 1.09
N GLY A 37 -35.91 -2.33 0.83
CA GLY A 37 -36.50 -2.70 -0.46
C GLY A 37 -35.51 -3.06 -1.57
N LYS A 38 -34.22 -2.86 -1.31
CA LYS A 38 -33.23 -3.08 -2.35
C LYS A 38 -32.79 -4.54 -2.32
N LYS A 39 -32.75 -5.13 -3.50
CA LYS A 39 -32.47 -6.54 -3.66
C LYS A 39 -31.43 -6.72 -4.74
N VAL A 40 -30.54 -7.69 -4.54
CA VAL A 40 -29.48 -7.99 -5.51
C VAL A 40 -30.11 -8.58 -6.77
N ASN A 41 -29.78 -7.99 -7.92
CA ASN A 41 -30.43 -8.33 -9.20
C ASN A 41 -31.95 -8.34 -9.07
N GLY A 42 -32.46 -7.41 -8.26
CA GLY A 42 -33.89 -7.32 -7.99
C GLY A 42 -34.51 -8.59 -7.46
N GLU A 43 -33.70 -9.50 -6.92
CA GLU A 43 -34.15 -10.84 -6.57
C GLU A 43 -33.81 -11.31 -5.15
N ILE A 44 -32.59 -11.03 -4.68
CA ILE A 44 -32.11 -11.58 -3.40
C ILE A 44 -32.11 -10.52 -2.29
N GLU A 45 -32.62 -10.88 -1.12
CA GLU A 45 -32.65 -9.95 0.02
C GLU A 45 -31.24 -9.60 0.49
N ILE A 46 -31.06 -8.36 0.94
CA ILE A 46 -29.79 -7.88 1.44
C ILE A 46 -29.88 -7.72 2.97
N ARG A 47 -29.08 -8.50 3.68
CA ARG A 47 -28.91 -8.36 5.12
C ARG A 47 -27.79 -7.35 5.40
N VAL A 48 -28.10 -6.29 6.14
CA VAL A 48 -27.13 -5.23 6.40
C VAL A 48 -26.57 -5.38 7.83
N GLU A 49 -25.28 -5.64 7.92
CA GLU A 49 -24.55 -5.61 9.18
C GLU A 49 -23.80 -4.30 9.26
N GLN A 50 -23.70 -3.69 10.44
CA GLN A 50 -23.07 -2.40 10.57
C GLN A 50 -22.24 -2.39 11.84
N ALA A 51 -20.99 -1.98 11.74
CA ALA A 51 -20.13 -1.87 12.90
C ALA A 51 -19.05 -0.88 12.63
N GLU A 52 -18.43 -0.36 13.68
CA GLU A 52 -17.18 0.38 13.50
C GLU A 52 -16.05 -0.61 13.59
N PHE A 53 -14.89 -0.20 13.06
CA PHE A 53 -13.71 -1.06 13.03
C PHE A 53 -13.36 -1.66 14.39
N SER A 54 -13.47 -0.88 15.46
CA SER A 54 -13.06 -1.37 16.77
C SER A 54 -13.91 -2.54 17.29
N GLU A 55 -15.03 -2.80 16.64
CA GLU A 55 -15.96 -3.85 17.03
C GLU A 55 -15.78 -5.15 16.22
N LEU A 56 -14.87 -5.11 15.24
CA LEU A 56 -14.71 -6.19 14.27
C LEU A 56 -13.39 -6.96 14.42
N ASN A 57 -13.48 -8.27 14.23
CA ASN A 57 -12.33 -9.14 13.98
C ASN A 57 -12.73 -10.21 12.97
N LEU A 58 -11.74 -10.94 12.47
CA LEU A 58 -11.97 -11.88 11.38
C LEU A 58 -10.83 -12.87 11.25
N ALA A 59 -11.12 -14.00 10.60
CA ALA A 59 -10.12 -14.86 9.98
C ALA A 59 -10.47 -14.88 8.48
N ALA A 60 -9.45 -14.92 7.62
CA ALA A 60 -9.63 -14.94 6.18
C ALA A 60 -8.91 -16.15 5.61
N TYR A 61 -9.44 -16.73 4.54
CA TYR A 61 -9.00 -18.04 4.05
C TYR A 61 -8.66 -18.02 2.56
N VAL A 62 -7.55 -18.66 2.22
CA VAL A 62 -7.19 -18.86 0.81
C VAL A 62 -8.31 -19.57 0.07
N THR A 63 -8.92 -20.55 0.74
CA THR A 63 -10.02 -21.30 0.15
C THR A 63 -11.20 -20.39 -0.22
N GLY A 64 -11.32 -19.24 0.45
CA GLY A 64 -12.27 -18.19 0.07
C GLY A 64 -13.00 -17.56 1.25
N GLY A 65 -13.09 -16.23 1.24
CA GLY A 65 -13.88 -15.50 2.21
C GLY A 65 -13.28 -15.27 3.59
N CYS A 66 -14.10 -14.63 4.43
CA CYS A 66 -13.78 -14.20 5.79
C CYS A 66 -14.89 -14.66 6.69
N MET A 67 -14.55 -15.07 7.90
CA MET A 67 -15.51 -15.19 8.99
C MET A 67 -15.32 -13.95 9.88
N VAL A 68 -16.37 -13.15 10.04
CA VAL A 68 -16.29 -11.93 10.83
C VAL A 68 -17.03 -12.12 12.15
N ASP A 69 -16.40 -11.63 13.21
CA ASP A 69 -16.93 -11.59 14.56
C ASP A 69 -17.19 -10.12 14.88
N MET A 70 -18.42 -9.80 15.25
CA MET A 70 -18.81 -8.45 15.59
C MET A 70 -19.24 -8.41 17.06
N GLN A 71 -18.61 -7.53 17.84
CA GLN A 71 -18.87 -7.47 19.29
C GLN A 71 -19.21 -6.04 19.68
N ARG A 82 -21.52 -12.20 17.87
CA ARG A 82 -22.18 -12.50 16.59
C ARG A 82 -21.19 -12.70 15.42
N SER A 83 -21.35 -13.79 14.67
CA SER A 83 -20.44 -14.16 13.58
C SER A 83 -21.11 -14.42 12.23
N PHE A 84 -20.45 -14.06 11.14
CA PHE A 84 -21.02 -14.20 9.80
C PHE A 84 -19.98 -14.06 8.71
N LYS A 85 -20.27 -14.62 7.54
CA LYS A 85 -19.46 -14.42 6.36
C LYS A 85 -20.05 -13.29 5.52
N PRO A 86 -19.34 -12.16 5.40
CA PRO A 86 -19.87 -11.11 4.56
C PRO A 86 -19.66 -11.38 3.07
N ASP A 87 -20.54 -10.81 2.26
CA ASP A 87 -20.44 -10.91 0.81
C ASP A 87 -19.97 -9.60 0.14
N PHE A 88 -20.14 -8.46 0.81
CA PHE A 88 -19.80 -7.17 0.23
C PHE A 88 -19.51 -6.21 1.36
N ILE A 89 -18.54 -5.32 1.16
CA ILE A 89 -18.17 -4.31 2.17
C ILE A 89 -18.41 -2.88 1.62
N LEU A 90 -19.00 -2.05 2.46
CA LEU A 90 -18.95 -0.59 2.30
C LEU A 90 -18.06 0.03 3.39
N VAL A 91 -17.00 0.74 2.98
CA VAL A 91 -16.06 1.29 3.95
C VAL A 91 -16.27 2.79 4.11
N ARG A 92 -16.88 3.16 5.25
CA ARG A 92 -17.19 4.55 5.55
C ARG A 92 -16.26 5.16 6.59
N GLN A 93 -15.47 4.32 7.26
CA GLN A 93 -14.60 4.71 8.37
C GLN A 93 -13.12 4.73 7.98
N HIS A 94 -12.37 5.71 8.48
CA HIS A 94 -10.92 5.74 8.27
C HIS A 94 -10.31 4.50 8.91
N ALA A 95 -9.50 3.77 8.15
CA ALA A 95 -8.78 2.58 8.64
C ALA A 95 -7.52 2.88 9.46
N TYR A 96 -7.03 4.12 9.41
CA TYR A 96 -5.79 4.49 10.12
C TYR A 96 -5.86 5.96 10.53
N SER A 97 -5.68 6.21 11.82
CA SER A 97 -5.82 7.55 12.37
C SER A 97 -4.77 7.67 13.46
N MET A 98 -3.60 8.21 13.11
CA MET A 98 -2.45 8.15 14.03
C MET A 98 -2.61 8.93 15.32
N ALA A 99 -3.28 10.08 15.28
CA ALA A 99 -3.47 10.92 16.47
C ALA A 99 -4.52 10.33 17.44
N LEU A 100 -5.40 9.49 16.93
CA LEU A 100 -6.39 8.77 17.76
C LEU A 100 -5.85 7.43 18.27
N GLY A 101 -4.67 7.02 17.81
CA GLY A 101 -4.12 5.71 18.11
C GLY A 101 -4.93 4.52 17.59
N GLU A 102 -5.63 4.73 16.48
CA GLU A 102 -6.48 3.73 15.85
C GLU A 102 -5.82 3.19 14.57
N ASP A 103 -5.64 1.87 14.50
CA ASP A 103 -4.97 1.28 13.37
C ASP A 103 -5.72 0.00 13.00
N TYR A 104 -6.49 0.07 11.92
CA TYR A 104 -7.27 -1.05 11.42
C TYR A 104 -6.78 -1.55 10.07
N ARG A 105 -5.55 -1.21 9.68
CA ARG A 105 -5.05 -1.60 8.36
C ARG A 105 -5.07 -3.13 8.19
N SER A 106 -4.81 -3.88 9.26
CA SER A 106 -4.82 -5.34 9.16
C SER A 106 -6.23 -5.94 8.91
N LEU A 107 -7.28 -5.27 9.39
CA LEU A 107 -8.65 -5.66 9.03
C LEU A 107 -8.91 -5.43 7.53
N VAL A 108 -8.37 -4.35 6.97
CA VAL A 108 -8.45 -4.11 5.53
C VAL A 108 -7.69 -5.21 4.77
N ILE A 109 -6.46 -5.49 5.19
CA ILE A 109 -5.71 -6.62 4.62
C ILE A 109 -6.58 -7.91 4.67
N GLY A 110 -7.22 -8.19 5.80
CA GLY A 110 -7.98 -9.43 5.95
C GLY A 110 -9.17 -9.58 5.02
N LEU A 111 -9.91 -8.48 4.86
CA LEU A 111 -11.09 -8.49 4.01
C LEU A 111 -10.67 -8.65 2.55
N GLN A 112 -9.55 -8.05 2.17
CA GLN A 112 -8.99 -8.24 0.81
C GLN A 112 -8.47 -9.68 0.56
N TYR A 113 -7.76 -10.23 1.55
CA TYR A 113 -7.33 -11.65 1.59
C TYR A 113 -8.54 -12.61 1.41
N GLY A 114 -9.65 -12.30 2.07
CA GLY A 114 -10.94 -12.99 1.86
C GLY A 114 -11.57 -12.83 0.49
N GLY A 115 -11.05 -11.92 -0.33
CA GLY A 115 -11.53 -11.73 -1.70
C GLY A 115 -12.82 -10.91 -1.78
N LEU A 116 -13.07 -10.09 -0.77
CA LEU A 116 -14.36 -9.36 -0.67
C LEU A 116 -14.43 -8.23 -1.71
N PRO A 117 -15.55 -8.17 -2.45
CA PRO A 117 -15.88 -7.03 -3.28
C PRO A 117 -16.32 -5.89 -2.35
N ALA A 118 -15.98 -4.66 -2.69
CA ALA A 118 -16.24 -3.54 -1.78
C ALA A 118 -16.39 -2.21 -2.51
N VAL A 119 -16.94 -1.25 -1.77
CA VAL A 119 -16.95 0.15 -2.18
C VAL A 119 -16.35 0.99 -1.05
N ASN A 120 -15.26 1.73 -1.30
CA ASN A 120 -14.47 1.63 -2.50
C ASN A 120 -13.76 0.27 -2.43
N SER A 121 -13.08 -0.10 -3.50
CA SER A 121 -12.28 -1.33 -3.51
C SER A 121 -11.34 -1.36 -2.29
N LEU A 122 -11.21 -2.55 -1.68
CA LEU A 122 -10.31 -2.71 -0.53
C LEU A 122 -8.87 -2.40 -0.93
N TYR A 123 -8.56 -2.68 -2.18
CA TYR A 123 -7.29 -2.30 -2.76
C TYR A 123 -7.02 -0.79 -2.61
N SER A 124 -7.97 0.05 -3.04
CA SER A 124 -7.81 1.51 -2.95
C SER A 124 -7.84 2.03 -1.51
N VAL A 125 -8.65 1.39 -0.67
CA VAL A 125 -8.82 1.75 0.74
C VAL A 125 -7.50 1.58 1.47
N TYR A 126 -6.83 0.46 1.19
CA TYR A 126 -5.50 0.20 1.75
C TYR A 126 -4.46 1.22 1.29
N ASN A 127 -4.40 1.50 0.00
CA ASN A 127 -3.48 2.49 -0.49
C ASN A 127 -3.78 3.92 0.00
N PHE A 128 -5.02 4.19 0.37
CA PHE A 128 -5.38 5.47 0.97
C PHE A 128 -4.93 5.64 2.41
N CYS A 129 -4.42 4.58 3.05
CA CYS A 129 -4.00 4.66 4.46
C CYS A 129 -2.66 5.35 4.69
N SER A 130 -2.20 6.16 3.73
CA SER A 130 -1.03 7.03 3.91
C SER A 130 -1.24 8.27 3.04
N LYS A 131 -1.38 9.42 3.69
CA LYS A 131 -1.62 10.65 2.98
C LYS A 131 -0.57 11.03 1.95
N PRO A 132 0.73 10.99 2.32
CA PRO A 132 1.76 11.31 1.31
C PRO A 132 1.83 10.32 0.15
N TRP A 133 1.46 9.06 0.39
CA TRP A 133 1.36 8.06 -0.66
C TRP A 133 0.23 8.42 -1.65
N VAL A 134 -0.91 8.80 -1.10
CA VAL A 134 -2.01 9.32 -1.94
C VAL A 134 -1.56 10.60 -2.68
N PHE A 135 -0.96 11.53 -1.94
CA PHE A 135 -0.47 12.78 -2.52
C PHE A 135 0.47 12.56 -3.69
N SER A 136 1.28 11.51 -3.63
CA SER A 136 2.17 11.17 -4.75
CA SER A 136 2.16 11.16 -4.75
C SER A 136 1.37 10.92 -6.03
N GLN A 137 0.16 10.37 -5.90
CA GLN A 137 -0.77 10.22 -7.05
C GLN A 137 -1.32 11.56 -7.56
N LEU A 138 -1.63 12.48 -6.63
CA LEU A 138 -1.99 13.83 -7.01
C LEU A 138 -0.87 14.52 -7.82
N ILE A 139 0.39 14.30 -7.43
CA ILE A 139 1.55 14.83 -8.16
C ILE A 139 1.59 14.32 -9.62
N LYS A 140 1.22 13.06 -9.82
CA LYS A 140 1.15 12.51 -11.17
C LYS A 140 0.09 13.24 -12.02
N ILE A 141 -1.06 13.51 -11.43
CA ILE A 141 -2.13 14.27 -12.10
C ILE A 141 -1.64 15.69 -12.46
N PHE A 142 -1.07 16.36 -11.46
CA PHE A 142 -0.46 17.67 -11.62
C PHE A 142 0.56 17.72 -12.77
N HIS A 143 1.46 16.75 -12.80
CA HIS A 143 2.46 16.67 -13.87
C HIS A 143 1.80 16.48 -15.24
N SER A 144 0.69 15.76 -15.25
CA SER A 144 -0.01 15.48 -16.51
C SER A 144 -0.88 16.65 -16.98
N LEU A 145 -1.57 17.32 -16.08
CA LEU A 145 -2.56 18.35 -16.43
C LEU A 145 -2.02 19.77 -16.39
N GLY A 146 -1.04 20.02 -15.51
CA GLY A 146 -0.45 21.34 -15.38
C GLY A 146 -1.11 22.15 -14.28
N PRO A 147 -0.43 23.21 -13.82
CA PRO A 147 -0.93 23.99 -12.70
C PRO A 147 -2.17 24.82 -13.00
N GLU A 148 -2.49 25.07 -14.27
CA GLU A 148 -3.69 25.83 -14.59
C GLU A 148 -4.94 24.95 -14.46
N LYS A 149 -4.87 23.74 -14.97
CA LYS A 149 -5.97 22.78 -14.85
C LYS A 149 -6.09 22.07 -13.49
N PHE A 150 -4.96 21.93 -12.77
CA PHE A 150 -4.91 21.15 -11.52
C PHE A 150 -3.95 21.80 -10.53
N PRO A 151 -4.40 22.88 -9.84
CA PRO A 151 -3.51 23.68 -8.99
C PRO A 151 -3.10 23.04 -7.66
N LEU A 152 -2.27 22.01 -7.74
CA LEU A 152 -1.80 21.32 -6.54
C LEU A 152 -0.86 22.20 -5.72
N VAL A 153 -1.03 22.19 -4.40
CA VAL A 153 -0.20 22.99 -3.53
C VAL A 153 1.24 22.48 -3.63
N GLU A 154 2.20 23.39 -3.66
CA GLU A 154 3.61 23.04 -3.80
C GLU A 154 4.17 22.54 -2.46
N GLN A 155 3.97 21.25 -2.21
CA GLN A 155 4.28 20.65 -0.95
C GLN A 155 5.62 19.93 -1.04
N THR A 156 6.31 19.87 0.09
CA THR A 156 7.55 19.11 0.24
C THR A 156 7.31 17.95 1.21
N PHE A 157 7.92 16.79 0.93
CA PHE A 157 7.80 15.60 1.80
C PHE A 157 9.15 15.23 2.41
N PHE A 158 9.12 15.02 3.72
CA PHE A 158 10.27 14.57 4.50
C PHE A 158 9.93 13.21 5.08
N PRO A 159 10.75 12.19 4.79
CA PRO A 159 10.52 10.81 5.31
C PRO A 159 10.69 10.70 6.82
N ASN A 160 11.46 11.61 7.40
CA ASN A 160 11.64 11.75 8.82
C ASN A 160 12.13 13.15 9.13
N HIS A 161 12.41 13.44 10.41
CA HIS A 161 12.73 14.80 10.85
C HIS A 161 14.06 15.36 10.35
N LYS A 162 14.97 14.47 9.95
CA LYS A 162 16.39 14.84 9.78
C LYS A 162 16.68 15.90 8.72
N PRO A 163 16.14 15.76 7.49
CA PRO A 163 16.32 16.75 6.43
C PRO A 163 15.57 18.08 6.61
N MET A 164 14.67 18.14 7.59
CA MET A 164 13.92 19.36 7.89
C MET A 164 14.77 20.42 8.58
N VAL A 165 15.05 21.50 7.86
CA VAL A 165 15.85 22.63 8.39
C VAL A 165 15.01 23.90 8.39
N THR A 166 14.52 24.29 7.21
CA THR A 166 13.69 25.48 7.08
C THR A 166 12.62 25.28 6.00
N ALA A 167 11.88 26.34 5.71
CA ALA A 167 11.01 26.39 4.54
C ALA A 167 11.40 27.60 3.68
N PRO A 168 11.14 27.53 2.36
CA PRO A 168 11.40 28.67 1.49
C PRO A 168 10.44 29.85 1.71
N HIS A 169 9.23 29.59 2.20
CA HIS A 169 8.24 30.65 2.46
C HIS A 169 7.54 30.45 3.79
N PHE A 170 7.60 31.47 4.64
CA PHE A 170 6.79 31.52 5.86
C PHE A 170 5.65 32.52 5.67
N PRO A 171 4.47 32.23 6.26
CA PRO A 171 4.19 31.05 7.07
C PRO A 171 3.99 29.77 6.26
N VAL A 172 4.26 28.67 6.93
CA VAL A 172 4.21 27.35 6.36
C VAL A 172 3.25 26.47 7.17
N VAL A 173 2.55 25.58 6.48
CA VAL A 173 1.76 24.55 7.16
C VAL A 173 2.54 23.21 7.19
N VAL A 174 2.77 22.73 8.40
CA VAL A 174 3.46 21.45 8.63
C VAL A 174 2.43 20.41 9.07
N LYS A 175 2.48 19.25 8.43
CA LYS A 175 1.50 18.18 8.64
C LYS A 175 2.26 16.89 8.95
N LEU A 176 2.05 16.36 10.15
CA LEU A 176 2.76 15.18 10.65
C LEU A 176 1.98 13.91 10.40
N GLY A 177 2.67 12.90 9.89
CA GLY A 177 2.11 11.56 9.83
C GLY A 177 0.82 11.46 9.02
N HIS A 178 -0.05 10.54 9.43
CA HIS A 178 -1.33 10.25 8.75
C HIS A 178 -2.43 10.45 9.79
N ALA A 179 -3.07 11.61 9.76
CA ALA A 179 -4.00 12.00 10.79
C ALA A 179 -5.11 12.81 10.14
N HIS A 180 -6.23 12.89 10.83
CA HIS A 180 -7.46 13.48 10.30
C HIS A 180 -8.03 14.54 11.21
N ALA A 181 -9.05 15.23 10.73
CA ALA A 181 -9.78 16.22 11.49
C ALA A 181 -8.86 17.27 12.10
N GLY A 182 -7.89 17.76 11.33
CA GLY A 182 -7.00 18.82 11.77
C GLY A 182 -5.82 18.42 12.62
N MET A 183 -5.78 17.16 13.06
CA MET A 183 -4.74 16.70 13.97
C MET A 183 -3.40 16.57 13.26
N GLY A 184 -2.35 16.83 14.01
CA GLY A 184 -0.99 16.78 13.48
C GLY A 184 -0.61 17.94 12.56
N LYS A 185 -1.41 19.03 12.59
CA LYS A 185 -1.22 20.13 11.64
C LYS A 185 -1.05 21.47 12.36
N ILE A 186 -0.04 22.24 11.94
CA ILE A 186 0.32 23.51 12.55
C ILE A 186 0.76 24.55 11.52
N LYS A 187 0.29 25.78 11.72
CA LYS A 187 0.79 26.96 11.00
C LYS A 187 2.03 27.48 11.73
N VAL A 188 3.16 27.43 11.03
CA VAL A 188 4.44 27.88 11.58
C VAL A 188 4.82 29.23 10.95
N GLU A 189 5.13 30.20 11.80
CA GLU A 189 5.29 31.61 11.38
C GLU A 189 6.73 31.98 11.04
N ASN A 190 7.67 31.23 11.59
CA ASN A 190 9.08 31.56 11.48
C ASN A 190 9.98 30.37 11.70
N GLN A 191 11.26 30.58 11.39
CA GLN A 191 12.31 29.57 11.47
C GLN A 191 12.60 29.03 12.89
N LEU A 192 12.61 29.90 13.89
CA LEU A 192 12.87 29.43 15.24
C LEU A 192 11.77 28.44 15.65
N ASP A 193 10.52 28.80 15.37
CA ASP A 193 9.36 27.94 15.62
C ASP A 193 9.40 26.66 14.79
N PHE A 194 9.83 26.77 13.54
CA PHE A 194 9.98 25.59 12.66
C PHE A 194 10.98 24.59 13.23
N GLN A 195 12.12 25.08 13.70
CA GLN A 195 13.11 24.22 14.33
C GLN A 195 12.58 23.43 15.54
N ASP A 196 11.80 24.08 16.39
CA ASP A 196 11.19 23.40 17.53
C ASP A 196 10.13 22.38 17.14
N ILE A 197 9.35 22.66 16.09
CA ILE A 197 8.41 21.67 15.56
C ILE A 197 9.12 20.42 14.99
N THR A 198 10.30 20.56 14.40
CA THR A 198 11.00 19.38 13.87
C THR A 198 11.38 18.39 14.99
N SER A 199 11.59 18.90 16.20
CA SER A 199 11.84 18.00 17.32
C SER A 199 10.61 17.22 17.71
N VAL A 200 9.42 17.79 17.50
CA VAL A 200 8.18 17.05 17.68
C VAL A 200 8.02 15.95 16.57
N VAL A 201 8.36 16.27 15.33
CA VAL A 201 8.40 15.26 14.27
C VAL A 201 9.33 14.07 14.68
N ALA A 202 10.50 14.39 15.23
CA ALA A 202 11.45 13.35 15.72
C ALA A 202 10.83 12.46 16.82
N MET A 203 10.22 13.11 17.81
CA MET A 203 9.60 12.41 18.94
CA MET A 203 9.60 12.41 18.93
C MET A 203 8.43 11.51 18.49
N ALA A 204 7.69 11.96 17.46
CA ALA A 204 6.58 11.20 16.87
C ALA A 204 7.04 10.09 15.92
N LYS A 205 8.33 10.07 15.59
CA LYS A 205 8.94 9.00 14.82
C LYS A 205 8.15 8.81 13.51
N THR A 206 7.80 9.92 12.88
CA THR A 206 6.99 9.84 11.67
C THR A 206 7.53 10.77 10.60
N TYR A 207 6.90 10.71 9.43
CA TYR A 207 7.15 11.61 8.34
C TYR A 207 6.32 12.90 8.48
N ALA A 208 6.62 13.88 7.64
CA ALA A 208 5.96 15.17 7.67
C ALA A 208 6.02 15.84 6.31
N THR A 209 5.10 16.74 6.04
CA THR A 209 5.12 17.57 4.84
C THR A 209 5.03 19.04 5.22
N THR A 210 5.53 19.91 4.32
CA THR A 210 5.43 21.36 4.44
C THR A 210 4.92 21.95 3.14
N GLU A 211 4.15 23.03 3.27
CA GLU A 211 3.58 23.75 2.14
C GLU A 211 3.24 25.17 2.62
N ALA A 212 3.22 26.11 1.69
CA ALA A 212 2.87 27.48 1.98
C ALA A 212 1.51 27.54 2.67
N PHE A 213 1.40 28.34 3.71
CA PHE A 213 0.09 28.70 4.24
C PHE A 213 -0.59 29.65 3.26
N ILE A 214 -1.82 29.32 2.90
CA ILE A 214 -2.65 30.11 2.03
C ILE A 214 -3.63 30.90 2.94
N ASP A 215 -3.64 32.21 2.74
CA ASP A 215 -4.59 33.11 3.39
C ASP A 215 -5.91 32.92 2.65
N SER A 216 -6.74 31.99 3.16
CA SER A 216 -7.84 31.40 2.41
C SER A 216 -9.18 31.91 2.93
N LYS A 217 -10.09 32.25 2.00
CA LYS A 217 -11.43 32.72 2.34
C LYS A 217 -12.35 31.59 2.77
N TYR A 218 -12.13 30.43 2.15
CA TYR A 218 -12.96 29.25 2.38
C TYR A 218 -12.30 28.03 1.75
N ASP A 219 -12.69 26.85 2.23
CA ASP A 219 -12.40 25.61 1.54
C ASP A 219 -13.41 25.42 0.43
N ILE A 220 -12.96 24.72 -0.61
CA ILE A 220 -13.81 24.24 -1.70
C ILE A 220 -13.66 22.72 -1.71
N ARG A 221 -14.79 22.00 -1.66
CA ARG A 221 -14.71 20.54 -1.81
C ARG A 221 -15.67 20.05 -2.88
N ILE A 222 -15.10 19.30 -3.83
CA ILE A 222 -15.81 18.71 -4.95
C ILE A 222 -15.86 17.21 -4.66
N GLN A 223 -17.07 16.65 -4.65
CA GLN A 223 -17.24 15.23 -4.37
C GLN A 223 -17.85 14.52 -5.56
N LYS A 224 -17.58 13.22 -5.64
CA LYS A 224 -18.15 12.35 -6.67
CA LYS A 224 -18.14 12.34 -6.67
C LYS A 224 -18.60 11.07 -5.98
N ILE A 225 -19.91 10.79 -6.06
CA ILE A 225 -20.47 9.54 -5.56
C ILE A 225 -21.09 8.86 -6.76
N GLY A 226 -20.39 7.88 -7.30
CA GLY A 226 -20.80 7.25 -8.55
C GLY A 226 -20.73 8.28 -9.64
N SER A 227 -21.88 8.62 -10.21
CA SER A 227 -21.98 9.66 -11.23
C SER A 227 -22.66 10.93 -10.70
N ASN A 228 -22.85 11.01 -9.38
CA ASN A 228 -23.36 12.24 -8.76
C ASN A 228 -22.21 13.14 -8.32
N TYR A 229 -22.30 14.41 -8.70
CA TYR A 229 -21.31 15.42 -8.34
C TYR A 229 -21.92 16.56 -7.51
N LYS A 230 -21.22 16.97 -6.47
CA LYS A 230 -21.57 18.19 -5.73
C LYS A 230 -20.31 19.00 -5.37
N ALA A 231 -20.48 20.32 -5.35
CA ALA A 231 -19.46 21.25 -4.93
C ALA A 231 -19.96 22.09 -3.76
N TYR A 232 -19.12 22.25 -2.74
CA TYR A 232 -19.42 23.11 -1.60
C TYR A 232 -18.28 24.08 -1.32
N MET A 233 -18.64 25.26 -0.81
CA MET A 233 -17.68 26.16 -0.19
C MET A 233 -17.95 26.11 1.32
N ARG A 234 -16.88 26.18 2.11
CA ARG A 234 -16.97 26.11 3.57
C ARG A 234 -16.12 27.18 4.23
N THR A 235 -16.75 27.95 5.10
CA THR A 235 -16.09 29.04 5.80
C THR A 235 -16.16 28.72 7.28
N SER A 236 -15.04 28.82 7.98
CA SER A 236 -15.06 28.77 9.45
C SER A 236 -15.81 29.96 10.06
N ILE A 237 -16.79 29.67 10.91
CA ILE A 237 -17.50 30.74 11.61
C ILE A 237 -17.09 30.76 13.09
N SER A 238 -15.97 30.11 13.36
CA SER A 238 -15.40 29.98 14.70
C SER A 238 -13.96 30.49 14.70
N GLY A 239 -13.58 31.27 13.68
CA GLY A 239 -12.24 31.82 13.53
C GLY A 239 -11.10 30.80 13.42
N ASN A 240 -11.27 29.75 12.59
CA ASN A 240 -10.29 28.64 12.48
C ASN A 240 -9.64 28.57 11.08
N TRP A 241 -8.32 28.67 10.98
CA TRP A 241 -7.67 28.43 9.67
C TRP A 241 -7.89 27.00 9.17
N LYS A 242 -8.08 26.06 10.11
CA LYS A 242 -8.55 24.72 9.79
C LYS A 242 -10.07 24.79 9.65
N ALA A 243 -10.52 25.09 8.44
CA ALA A 243 -11.94 25.43 8.19
C ALA A 243 -12.87 24.21 8.30
N ASN A 244 -12.31 23.00 8.28
CA ASN A 244 -13.07 21.78 8.53
C ASN A 244 -13.18 21.38 10.02
N THR A 245 -12.70 22.22 10.94
CA THR A 245 -12.87 22.00 12.38
C THR A 245 -13.82 23.06 12.97
N GLY A 246 -14.59 22.68 13.98
CA GLY A 246 -15.51 23.62 14.64
C GLY A 246 -16.66 24.04 13.75
N SER A 247 -17.39 25.08 14.17
CA SER A 247 -18.58 25.52 13.43
C SER A 247 -18.21 26.13 12.08
N ALA A 248 -18.90 25.70 11.04
CA ALA A 248 -18.65 26.19 9.69
C ALA A 248 -19.97 26.56 9.03
N MET A 249 -19.88 27.42 8.02
CA MET A 249 -21.00 27.72 7.16
C MET A 249 -20.69 27.02 5.85
N LEU A 250 -21.63 26.20 5.39
CA LEU A 250 -21.48 25.50 4.14
C LEU A 250 -22.49 25.96 3.14
N GLU A 251 -22.02 26.21 1.93
CA GLU A 251 -22.89 26.64 0.88
C GLU A 251 -22.61 25.81 -0.36
N GLN A 252 -23.65 25.20 -0.92
CA GLN A 252 -23.48 24.44 -2.15
C GLN A 252 -23.35 25.43 -3.30
N VAL A 253 -22.43 25.12 -4.20
CA VAL A 253 -22.09 26.01 -5.30
C VAL A 253 -22.24 25.20 -6.61
N ALA A 254 -22.20 25.88 -7.74
CA ALA A 254 -22.40 25.23 -9.03
C ALA A 254 -21.18 24.38 -9.42
N MET A 255 -21.43 23.21 -9.96
CA MET A 255 -20.37 22.41 -10.53
C MET A 255 -19.94 23.07 -11.83
N THR A 256 -18.64 23.04 -12.12
CA THR A 256 -18.11 23.56 -13.37
C THR A 256 -17.32 22.44 -14.03
N GLU A 257 -16.96 22.61 -15.30
CA GLU A 257 -16.11 21.60 -15.94
C GLU A 257 -14.72 21.60 -15.32
N ARG A 258 -14.29 22.73 -14.79
CA ARG A 258 -13.01 22.82 -14.10
C ARG A 258 -13.02 21.96 -12.83
N TYR A 259 -14.06 22.06 -12.02
CA TYR A 259 -14.20 21.21 -10.82
C TYR A 259 -14.37 19.75 -11.19
N ARG A 260 -15.03 19.50 -12.30
CA ARG A 260 -15.28 18.12 -12.68
C ARG A 260 -13.98 17.43 -13.09
N LEU A 261 -13.09 18.13 -13.76
CA LEU A 261 -11.79 17.55 -14.15
C LEU A 261 -10.97 17.17 -12.89
N TRP A 262 -10.96 18.06 -11.90
CA TRP A 262 -10.27 17.75 -10.63
C TRP A 262 -10.70 16.40 -10.06
N VAL A 263 -12.00 16.25 -9.83
CA VAL A 263 -12.53 15.07 -9.12
C VAL A 263 -12.46 13.81 -10.00
N ASP A 264 -12.82 13.92 -11.28
CA ASP A 264 -12.67 12.79 -12.23
C ASP A 264 -11.23 12.26 -12.36
N SER A 265 -10.27 13.19 -12.40
CA SER A 265 -8.85 12.86 -12.46
C SER A 265 -8.44 12.08 -11.22
N CYS A 266 -8.83 12.58 -10.06
CA CYS A 266 -8.54 11.90 -8.79
C CYS A 266 -9.21 10.54 -8.73
N SER A 267 -10.43 10.41 -9.26
CA SER A 267 -11.14 9.13 -9.15
C SER A 267 -10.46 7.97 -9.91
N GLU A 268 -9.47 8.28 -10.75
CA GLU A 268 -8.83 7.26 -11.56
C GLU A 268 -7.76 6.47 -10.79
N MET A 269 -7.31 6.97 -9.64
CA MET A 269 -6.17 6.33 -8.96
C MET A 269 -6.50 4.97 -8.29
N PHE A 270 -5.46 4.19 -8.05
CA PHE A 270 -5.56 2.86 -7.41
C PHE A 270 -6.64 1.98 -8.02
N GLY A 271 -6.70 2.00 -9.35
CA GLY A 271 -7.66 1.19 -10.08
C GLY A 271 -9.06 1.73 -10.12
N GLY A 272 -9.31 2.89 -9.51
CA GLY A 272 -10.63 3.52 -9.57
C GLY A 272 -11.29 3.71 -8.22
N LEU A 273 -11.75 4.94 -7.97
CA LEU A 273 -12.45 5.32 -6.75
C LEU A 273 -13.94 5.56 -7.05
N ASP A 274 -14.81 4.72 -6.51
CA ASP A 274 -16.25 4.89 -6.71
C ASP A 274 -16.76 6.13 -5.96
N ILE A 275 -16.20 6.38 -4.77
CA ILE A 275 -16.52 7.56 -3.96
C ILE A 275 -15.22 8.27 -3.68
N CYS A 276 -15.21 9.58 -3.94
CA CYS A 276 -14.08 10.43 -3.64
C CYS A 276 -14.42 11.93 -3.61
N ALA A 277 -13.48 12.71 -3.06
CA ALA A 277 -13.60 14.17 -3.03
C ALA A 277 -12.22 14.80 -3.12
N VAL A 278 -12.17 16.00 -3.66
CA VAL A 278 -10.94 16.77 -3.70
C VAL A 278 -11.22 18.15 -3.06
N LYS A 279 -10.29 18.58 -2.20
CA LYS A 279 -10.46 19.81 -1.48
C LYS A 279 -9.35 20.79 -1.85
N ALA A 280 -9.77 22.03 -2.10
CA ALA A 280 -8.88 23.15 -2.33
C ALA A 280 -9.11 24.24 -1.30
N VAL A 281 -8.10 25.11 -1.15
CA VAL A 281 -8.27 26.36 -0.43
C VAL A 281 -8.26 27.48 -1.45
N HIS A 282 -9.01 28.53 -1.14
CA HIS A 282 -9.22 29.63 -2.09
C HIS A 282 -8.69 30.93 -1.50
N SER A 283 -7.59 31.42 -2.05
CA SER A 283 -6.93 32.59 -1.47
C SER A 283 -7.77 33.84 -1.63
N LYS A 284 -7.46 34.81 -0.78
CA LYS A 284 -8.01 36.14 -0.94
C LYS A 284 -7.64 36.72 -2.30
N ASP A 285 -6.51 36.33 -2.87
CA ASP A 285 -6.12 36.81 -4.22
C ASP A 285 -6.85 36.12 -5.39
N GLY A 286 -7.70 35.13 -5.10
CA GLY A 286 -8.54 34.51 -6.13
C GLY A 286 -8.06 33.15 -6.62
N ARG A 287 -6.87 32.71 -6.20
CA ARG A 287 -6.29 31.44 -6.65
C ARG A 287 -6.71 30.28 -5.76
N ASP A 288 -7.07 29.17 -6.40
CA ASP A 288 -7.29 27.90 -5.69
C ASP A 288 -6.02 27.06 -5.60
N TYR A 289 -5.91 26.29 -4.52
CA TYR A 289 -4.79 25.37 -4.30
C TYR A 289 -5.35 24.06 -3.78
N ILE A 290 -5.18 22.98 -4.54
CA ILE A 290 -5.64 21.65 -4.11
C ILE A 290 -4.72 21.15 -2.99
N ILE A 291 -5.31 20.78 -1.85
CA ILE A 291 -4.52 20.35 -0.70
C ILE A 291 -4.73 18.90 -0.28
N GLU A 292 -5.84 18.30 -0.69
CA GLU A 292 -6.21 16.95 -0.24
C GLU A 292 -7.19 16.22 -1.17
N VAL A 293 -7.12 14.89 -1.11
CA VAL A 293 -8.12 14.01 -1.73
C VAL A 293 -8.57 12.96 -0.69
N MET A 294 -9.84 12.59 -0.80
CA MET A 294 -10.53 11.69 0.12
C MET A 294 -11.23 10.59 -0.66
N ASP A 295 -11.52 9.48 0.02
CA ASP A 295 -12.07 8.28 -0.62
C ASP A 295 -13.45 7.96 -0.03
N SER A 296 -13.82 6.69 0.08
CA SER A 296 -15.18 6.33 0.49
C SER A 296 -15.43 6.63 1.98
N SER A 297 -14.38 6.92 2.75
CA SER A 297 -14.49 7.37 4.13
C SER A 297 -14.55 8.92 4.28
N MET A 298 -14.64 9.65 3.17
CA MET A 298 -14.80 11.12 3.23
C MET A 298 -15.95 11.56 4.17
N PRO A 299 -15.73 12.64 4.95
CA PRO A 299 -16.86 13.18 5.69
C PRO A 299 -17.99 13.59 4.75
N LEU A 300 -19.23 13.46 5.23
CA LEU A 300 -20.40 13.94 4.50
C LEU A 300 -20.74 15.31 5.06
N ILE A 301 -20.89 16.29 4.16
CA ILE A 301 -21.00 17.69 4.54
C ILE A 301 -22.21 18.38 3.92
N GLY A 302 -22.61 19.49 4.51
CA GLY A 302 -23.68 20.31 3.95
C GLY A 302 -25.06 19.72 4.15
N GLU A 303 -25.99 20.16 3.29
CA GLU A 303 -27.42 19.94 3.47
C GLU A 303 -27.95 18.61 2.94
N HIS A 304 -27.10 17.84 2.25
CA HIS A 304 -27.56 16.63 1.54
C HIS A 304 -26.87 15.35 2.01
N VAL A 305 -26.49 15.29 3.29
CA VAL A 305 -25.90 14.08 3.87
C VAL A 305 -26.81 12.86 3.72
N GLU A 306 -28.10 13.01 3.98
CA GLU A 306 -29.04 11.88 3.83
C GLU A 306 -29.17 11.43 2.38
N GLU A 307 -29.14 12.40 1.45
CA GLU A 307 -29.15 12.11 0.01
C GLU A 307 -27.87 11.39 -0.43
N ASP A 308 -26.74 11.82 0.12
CA ASP A 308 -25.44 11.23 -0.18
C ASP A 308 -25.34 9.76 0.29
N ARG A 309 -25.79 9.47 1.51
CA ARG A 309 -25.85 8.07 1.96
C ARG A 309 -26.78 7.21 1.12
N GLN A 310 -27.86 7.78 0.61
CA GLN A 310 -28.76 7.04 -0.28
C GLN A 310 -28.14 6.79 -1.67
N LEU A 311 -27.40 7.78 -2.20
CA LEU A 311 -26.65 7.58 -3.45
C LEU A 311 -25.58 6.48 -3.26
N MET A 312 -24.86 6.51 -2.14
CA MET A 312 -23.93 5.42 -1.78
C MET A 312 -24.61 4.05 -1.72
N ALA A 313 -25.77 3.95 -1.07
CA ALA A 313 -26.49 2.67 -1.00
C ALA A 313 -26.93 2.19 -2.40
N ASP A 314 -27.42 3.13 -3.22
CA ASP A 314 -27.76 2.85 -4.62
C ASP A 314 -26.60 2.26 -5.42
N LEU A 315 -25.43 2.87 -5.24
CA LEU A 315 -24.21 2.46 -5.90
C LEU A 315 -23.79 1.05 -5.48
N VAL A 316 -23.85 0.79 -4.17
CA VAL A 316 -23.53 -0.52 -3.59
C VAL A 316 -24.41 -1.63 -4.15
N VAL A 317 -25.71 -1.40 -4.23
CA VAL A 317 -26.62 -2.40 -4.75
C VAL A 317 -26.37 -2.69 -6.22
N SER A 318 -26.07 -1.64 -6.98
CA SER A 318 -25.70 -1.77 -8.39
C SER A 318 -24.41 -2.62 -8.55
N LYS A 319 -23.40 -2.35 -7.73
CA LYS A 319 -22.18 -3.16 -7.76
C LYS A 319 -22.49 -4.61 -7.38
N MET A 320 -23.30 -4.82 -6.34
CA MET A 320 -23.64 -6.18 -5.90
C MET A 320 -24.32 -6.99 -7.00
N SER A 321 -25.21 -6.32 -7.73
CA SER A 321 -25.93 -6.90 -8.88
C SER A 321 -25.06 -7.24 -10.10
N GLN A 322 -23.92 -6.59 -10.23
CA GLN A 322 -22.96 -6.85 -11.30
C GLN A 322 -22.05 -8.06 -11.00
N LEU A 323 -22.12 -8.58 -9.78
CA LEU A 323 -21.44 -9.84 -9.41
C LEU A 323 -22.24 -11.11 -9.82
N PRO A 324 -21.55 -12.27 -9.94
CA PRO A 324 -22.24 -13.54 -10.20
C PRO A 324 -23.18 -13.95 -9.06
N ARG B 17 25.47 15.88 -19.11
CA ARG B 17 25.42 15.47 -17.67
C ARG B 17 25.00 14.01 -17.53
N PRO B 18 25.80 13.17 -16.83
CA PRO B 18 25.37 11.79 -16.63
C PRO B 18 24.04 11.64 -15.91
N ARG B 19 23.29 10.62 -16.32
CA ARG B 19 22.06 10.26 -15.64
C ARG B 19 22.47 9.51 -14.38
N ILE B 20 21.87 9.86 -13.25
CA ILE B 20 22.24 9.29 -11.97
C ILE B 20 21.30 8.12 -11.58
N LEU B 21 21.88 6.92 -11.46
CA LEU B 21 21.19 5.75 -10.92
C LEU B 21 21.56 5.53 -9.46
N LEU B 22 20.55 5.43 -8.59
CA LEU B 22 20.75 5.08 -7.17
C LEU B 22 20.35 3.63 -6.98
N VAL B 23 21.31 2.78 -6.63
CA VAL B 23 21.03 1.40 -6.29
C VAL B 23 20.95 1.33 -4.78
N ILE B 24 19.79 0.89 -4.28
CA ILE B 24 19.58 0.69 -2.85
C ILE B 24 19.71 -0.81 -2.57
N ASP B 25 20.74 -1.18 -1.81
CA ASP B 25 21.11 -2.57 -1.59
C ASP B 25 21.94 -2.72 -0.33
N ASP B 26 21.72 -3.81 0.38
CA ASP B 26 22.53 -4.15 1.55
C ASP B 26 23.59 -5.20 1.26
N ALA B 27 23.55 -5.78 0.05
CA ALA B 27 24.53 -6.78 -0.36
C ALA B 27 25.91 -6.18 -0.55
N HIS B 28 26.93 -7.01 -0.29
CA HIS B 28 28.33 -6.63 -0.44
C HIS B 28 28.76 -6.86 -1.89
N THR B 29 28.31 -5.96 -2.76
CA THR B 29 28.67 -5.98 -4.15
C THR B 29 28.86 -4.57 -4.65
N ASP B 30 29.80 -4.41 -5.58
CA ASP B 30 29.97 -3.15 -6.26
C ASP B 30 29.08 -3.16 -7.51
N TRP B 31 27.88 -2.57 -7.38
CA TRP B 31 26.97 -2.47 -8.54
C TRP B 31 27.53 -1.69 -9.70
N SER B 32 28.46 -0.76 -9.47
CA SER B 32 28.97 0.06 -10.57
C SER B 32 29.62 -0.79 -11.68
N LYS B 33 30.20 -1.91 -11.28
CA LYS B 33 30.89 -2.80 -12.22
C LYS B 33 29.95 -3.40 -13.29
N TYR B 34 28.65 -3.54 -12.98
CA TYR B 34 27.72 -4.07 -13.98
C TYR B 34 27.24 -3.02 -14.97
N PHE B 35 27.52 -1.74 -14.70
CA PHE B 35 27.08 -0.64 -15.55
C PHE B 35 28.23 0.03 -16.31
N HIS B 36 29.47 -0.34 -15.99
CA HIS B 36 30.61 0.28 -16.65
C HIS B 36 30.48 0.04 -18.14
N GLY B 37 30.58 1.10 -18.92
CA GLY B 37 30.48 1.03 -20.37
C GLY B 37 29.07 1.13 -20.91
N LYS B 38 28.06 1.01 -20.03
CA LYS B 38 26.67 1.09 -20.47
C LYS B 38 26.23 2.55 -20.47
N LYS B 39 25.72 3.00 -21.62
CA LYS B 39 25.23 4.35 -21.78
C LYS B 39 23.71 4.36 -22.07
N VAL B 40 23.04 5.38 -21.57
CA VAL B 40 21.62 5.57 -21.82
C VAL B 40 21.50 5.99 -23.30
N ASN B 41 20.81 5.15 -24.07
CA ASN B 41 20.72 5.28 -25.54
C ASN B 41 22.06 5.29 -26.29
N GLY B 42 23.07 4.65 -25.69
CA GLY B 42 24.42 4.62 -26.25
C GLY B 42 25.12 5.98 -26.26
N GLU B 43 24.52 6.97 -25.62
CA GLU B 43 24.98 8.36 -25.71
C GLU B 43 25.40 8.91 -24.35
N ILE B 44 24.50 8.87 -23.38
CA ILE B 44 24.71 9.52 -22.07
C ILE B 44 25.26 8.53 -21.05
N GLU B 45 26.30 8.93 -20.33
CA GLU B 45 26.93 8.06 -19.32
C GLU B 45 26.00 7.91 -18.10
N ILE B 46 26.17 6.81 -17.37
CA ILE B 46 25.40 6.58 -16.17
C ILE B 46 26.33 6.67 -14.96
N ARG B 47 25.96 7.51 -14.00
CA ARG B 47 26.66 7.61 -12.74
C ARG B 47 25.89 6.79 -11.74
N VAL B 48 26.53 5.75 -11.20
CA VAL B 48 25.90 4.84 -10.23
C VAL B 48 26.30 5.21 -8.80
N GLU B 49 25.31 5.58 -7.99
CA GLU B 49 25.48 5.73 -6.55
C GLU B 49 24.87 4.51 -5.91
N GLN B 50 25.43 4.04 -4.79
CA GLN B 50 24.92 2.83 -4.13
C GLN B 50 24.91 3.07 -2.62
N ALA B 51 23.86 2.64 -1.97
CA ALA B 51 23.84 2.72 -0.53
C ALA B 51 22.76 1.80 0.00
N GLU B 52 22.81 1.49 1.29
CA GLU B 52 21.68 0.81 1.90
C GLU B 52 20.72 1.83 2.46
N PHE B 53 19.47 1.39 2.68
CA PHE B 53 18.44 2.27 3.14
C PHE B 53 18.90 3.10 4.35
N SER B 54 19.62 2.48 5.30
CA SER B 54 19.99 3.15 6.55
C SER B 54 20.94 4.33 6.34
N GLU B 55 21.51 4.42 5.15
CA GLU B 55 22.50 5.45 4.84
C GLU B 55 21.91 6.60 4.04
N LEU B 56 20.60 6.55 3.78
CA LEU B 56 19.96 7.49 2.86
C LEU B 56 18.92 8.32 3.57
N ASN B 57 18.87 9.59 3.20
CA ASN B 57 17.73 10.44 3.48
C ASN B 57 17.43 11.31 2.28
N LEU B 58 16.29 12.00 2.31
CA LEU B 58 15.85 12.77 1.18
C LEU B 58 14.81 13.80 1.57
N ALA B 59 14.64 14.80 0.68
CA ALA B 59 13.45 15.60 0.60
C ALA B 59 12.86 15.39 -0.82
N ALA B 60 11.54 15.30 -0.92
CA ALA B 60 10.82 15.16 -2.21
C ALA B 60 9.81 16.33 -2.40
N TYR B 61 9.61 16.73 -3.65
CA TYR B 61 8.91 18.01 -3.93
C TYR B 61 7.88 17.83 -5.00
N VAL B 62 6.74 18.51 -4.85
CA VAL B 62 5.70 18.53 -5.86
C VAL B 62 6.23 19.06 -7.17
N THR B 63 7.08 20.07 -7.10
CA THR B 63 7.68 20.70 -8.26
C THR B 63 8.57 19.73 -9.04
N GLY B 64 8.95 18.61 -8.42
CA GLY B 64 9.59 17.50 -9.14
C GLY B 64 10.87 17.01 -8.49
N GLY B 65 11.00 15.70 -8.36
CA GLY B 65 12.26 15.08 -7.97
C GLY B 65 12.49 15.00 -6.47
N CYS B 66 13.63 14.40 -6.13
CA CYS B 66 14.14 14.25 -4.78
C CYS B 66 15.56 14.78 -4.72
N MET B 67 15.91 15.41 -3.61
CA MET B 67 17.30 15.58 -3.24
C MET B 67 17.63 14.49 -2.21
N VAL B 68 18.61 13.66 -2.54
CA VAL B 68 19.03 12.56 -1.68
C VAL B 68 20.36 12.93 -1.02
N ASP B 69 20.44 12.65 0.29
CA ASP B 69 21.66 12.73 1.09
C ASP B 69 22.14 11.31 1.44
N MET B 70 23.41 11.04 1.20
CA MET B 70 23.97 9.72 1.42
C MET B 70 25.15 9.84 2.38
N GLN B 71 25.10 9.10 3.49
CA GLN B 71 26.12 9.23 4.55
C GLN B 71 26.85 7.91 4.82
N ARG B 82 27.44 12.81 0.90
CA ARG B 82 27.18 13.31 -0.47
C ARG B 82 25.68 13.58 -0.72
N SER B 83 25.38 14.61 -1.53
CA SER B 83 23.99 15.04 -1.83
C SER B 83 23.74 15.10 -3.34
N PHE B 84 22.63 14.54 -3.81
CA PHE B 84 22.38 14.49 -5.24
C PHE B 84 20.92 14.18 -5.59
N LYS B 85 20.58 14.44 -6.84
CA LYS B 85 19.24 14.24 -7.35
C LYS B 85 19.27 13.03 -8.28
N PRO B 86 18.75 11.88 -7.82
CA PRO B 86 18.74 10.70 -8.68
C PRO B 86 17.73 10.80 -9.83
N ASP B 87 18.03 10.10 -10.91
CA ASP B 87 17.17 10.00 -12.09
C ASP B 87 16.38 8.69 -12.15
N PHE B 88 16.91 7.66 -11.48
CA PHE B 88 16.38 6.30 -11.56
C PHE B 88 16.84 5.52 -10.34
N ILE B 89 15.97 4.63 -9.85
CA ILE B 89 16.23 3.82 -8.69
C ILE B 89 16.17 2.30 -9.01
N LEU B 90 17.15 1.54 -8.50
CA LEU B 90 17.07 0.07 -8.44
C LEU B 90 16.93 -0.34 -6.98
N VAL B 91 15.82 -0.98 -6.63
CA VAL B 91 15.57 -1.40 -5.22
C VAL B 91 15.84 -2.88 -5.05
N ARG B 92 16.98 -3.19 -4.40
CA ARG B 92 17.45 -4.56 -4.14
C ARG B 92 17.30 -4.98 -2.67
N GLN B 93 17.10 -4.00 -1.78
CA GLN B 93 16.98 -4.25 -0.36
C GLN B 93 15.50 -4.22 0.05
N HIS B 94 15.15 -5.09 1.01
CA HIS B 94 13.82 -5.09 1.64
C HIS B 94 13.58 -3.78 2.37
N ALA B 95 12.44 -3.12 2.15
CA ALA B 95 12.19 -1.83 2.76
C ALA B 95 11.60 -1.94 4.16
N TYR B 96 11.21 -3.14 4.56
CA TYR B 96 10.53 -3.36 5.84
C TYR B 96 10.87 -4.76 6.37
N SER B 97 11.47 -4.80 7.56
CA SER B 97 11.91 -6.06 8.16
C SER B 97 11.63 -6.05 9.67
N MET B 98 10.47 -6.57 10.07
CA MET B 98 10.02 -6.42 11.46
C MET B 98 10.94 -7.06 12.49
N ALA B 99 11.57 -8.20 12.18
CA ALA B 99 12.46 -8.88 13.16
C ALA B 99 13.81 -8.19 13.28
N LEU B 100 14.19 -7.44 12.26
CA LEU B 100 15.39 -6.59 12.30
C LEU B 100 15.11 -5.19 12.86
N GLY B 101 13.85 -4.86 13.06
CA GLY B 101 13.45 -3.51 13.47
C GLY B 101 13.79 -2.43 12.45
N GLU B 102 13.74 -2.78 11.17
CA GLU B 102 14.09 -1.88 10.07
C GLU B 102 12.84 -1.47 9.33
N ASP B 103 12.67 -0.18 9.12
CA ASP B 103 11.46 0.33 8.48
C ASP B 103 11.81 1.54 7.63
N TYR B 104 11.88 1.31 6.32
CA TYR B 104 12.26 2.33 5.39
C TYR B 104 11.15 2.65 4.41
N ARG B 105 9.91 2.29 4.79
CA ARG B 105 8.74 2.52 3.96
C ARG B 105 8.58 4.01 3.62
N SER B 106 8.91 4.89 4.55
CA SER B 106 8.80 6.32 4.28
C SER B 106 9.84 6.83 3.28
N LEU B 107 10.97 6.13 3.14
CA LEU B 107 11.90 6.45 2.06
C LEU B 107 11.32 6.03 0.72
N VAL B 108 10.61 4.91 0.67
CA VAL B 108 9.98 4.46 -0.57
C VAL B 108 8.86 5.45 -0.96
N ILE B 109 8.05 5.87 0.01
CA ILE B 109 7.04 6.93 -0.21
C ILE B 109 7.71 8.16 -0.83
N GLY B 110 8.79 8.63 -0.21
CA GLY B 110 9.55 9.79 -0.67
C GLY B 110 10.02 9.74 -2.13
N LEU B 111 10.54 8.60 -2.54
CA LEU B 111 11.05 8.42 -3.90
C LEU B 111 9.92 8.41 -4.91
N GLN B 112 8.81 7.81 -4.53
CA GLN B 112 7.58 7.85 -5.36
C GLN B 112 6.99 9.29 -5.46
N TYR B 113 6.95 9.99 -4.32
CA TYR B 113 6.47 11.37 -4.22
C TYR B 113 7.25 12.25 -5.19
N GLY B 114 8.57 11.99 -5.30
CA GLY B 114 9.47 12.68 -6.22
C GLY B 114 9.31 12.28 -7.69
N GLY B 115 8.47 11.30 -7.97
CA GLY B 115 8.17 10.91 -9.36
C GLY B 115 9.24 10.03 -10.00
N LEU B 116 10.05 9.36 -9.17
CA LEU B 116 11.19 8.58 -9.67
C LEU B 116 10.76 7.30 -10.38
N PRO B 117 11.30 7.06 -11.59
CA PRO B 117 11.16 5.76 -12.20
C PRO B 117 12.12 4.79 -11.53
N ALA B 118 11.75 3.51 -11.46
CA ALA B 118 12.54 2.53 -10.77
C ALA B 118 12.28 1.09 -11.27
N VAL B 119 13.21 0.20 -10.90
CA VAL B 119 13.05 -1.25 -11.02
C VAL B 119 13.21 -1.87 -9.61
N ASN B 120 12.18 -2.53 -9.09
CA ASN B 120 10.81 -2.55 -9.65
C ASN B 120 10.20 -1.15 -9.45
N SER B 121 9.04 -0.89 -10.06
CA SER B 121 8.35 0.37 -9.80
C SER B 121 8.23 0.58 -8.30
N LEU B 122 8.47 1.80 -7.86
CA LEU B 122 8.26 2.17 -6.48
C LEU B 122 6.81 1.91 -5.99
N TYR B 123 5.83 2.00 -6.89
CA TYR B 123 4.44 1.62 -6.60
C TYR B 123 4.30 0.16 -6.13
N SER B 124 4.92 -0.75 -6.88
CA SER B 124 4.94 -2.19 -6.54
C SER B 124 5.81 -2.45 -5.32
N VAL B 125 6.94 -1.76 -5.22
CA VAL B 125 7.85 -1.93 -4.07
C VAL B 125 7.10 -1.64 -2.77
N TYR B 126 6.37 -0.52 -2.74
CA TYR B 126 5.60 -0.15 -1.55
C TYR B 126 4.51 -1.16 -1.22
N ASN B 127 3.78 -1.61 -2.22
CA ASN B 127 2.73 -2.60 -1.98
C ASN B 127 3.27 -3.96 -1.52
N PHE B 128 4.54 -4.25 -1.86
CA PHE B 128 5.26 -5.44 -1.38
C PHE B 128 5.71 -5.44 0.09
N CYS B 129 5.59 -4.31 0.76
CA CYS B 129 5.99 -4.19 2.17
C CYS B 129 5.02 -4.77 3.17
N SER B 130 4.08 -5.60 2.70
CA SER B 130 3.23 -6.43 3.58
C SER B 130 2.99 -7.77 2.94
N LYS B 131 3.60 -8.81 3.51
CA LYS B 131 3.47 -10.14 2.96
C LYS B 131 2.03 -10.60 2.74
N PRO B 132 1.16 -10.49 3.75
CA PRO B 132 -0.22 -10.87 3.52
C PRO B 132 -1.00 -10.02 2.50
N TRP B 133 -0.62 -8.76 2.32
CA TRP B 133 -1.15 -7.92 1.27
C TRP B 133 -0.77 -8.51 -0.10
N VAL B 134 0.50 -8.84 -0.25
CA VAL B 134 0.95 -9.51 -1.44
C VAL B 134 0.28 -10.88 -1.63
N PHE B 135 0.18 -11.66 -0.55
CA PHE B 135 -0.50 -12.98 -0.60
C PHE B 135 -1.95 -12.88 -1.13
N SER B 136 -2.65 -11.82 -0.78
CA SER B 136 -4.00 -11.58 -1.28
CA SER B 136 -4.00 -11.60 -1.28
C SER B 136 -4.04 -11.55 -2.82
N GLN B 137 -2.95 -11.05 -3.43
CA GLN B 137 -2.80 -11.04 -4.89
C GLN B 137 -2.57 -12.45 -5.41
N LEU B 138 -1.81 -13.26 -4.68
CA LEU B 138 -1.66 -14.68 -5.02
C LEU B 138 -3.00 -15.39 -4.99
N ILE B 139 -3.85 -15.03 -4.02
CA ILE B 139 -5.18 -15.61 -3.87
C ILE B 139 -6.09 -15.25 -5.07
N LYS B 140 -5.91 -14.06 -5.62
CA LYS B 140 -6.65 -13.67 -6.84
C LYS B 140 -6.25 -14.53 -8.01
N ILE B 141 -4.94 -14.75 -8.17
CA ILE B 141 -4.40 -15.66 -9.23
C ILE B 141 -4.91 -17.11 -9.04
N PHE B 142 -4.90 -17.57 -7.80
CA PHE B 142 -5.40 -18.89 -7.42
C PHE B 142 -6.90 -19.09 -7.75
N HIS B 143 -7.72 -18.08 -7.41
CA HIS B 143 -9.16 -18.09 -7.71
C HIS B 143 -9.37 -18.17 -9.24
N SER B 144 -8.51 -17.47 -9.98
CA SER B 144 -8.59 -17.46 -11.44
C SER B 144 -8.09 -18.75 -12.09
N LEU B 145 -6.91 -19.22 -11.73
CA LEU B 145 -6.26 -20.34 -12.46
C LEU B 145 -6.60 -21.72 -11.87
N GLY B 146 -6.99 -21.75 -10.60
CA GLY B 146 -7.29 -22.99 -9.88
C GLY B 146 -6.05 -23.70 -9.35
N PRO B 147 -6.24 -24.70 -8.45
CA PRO B 147 -5.18 -25.39 -7.71
C PRO B 147 -4.30 -26.31 -8.53
N GLU B 148 -4.76 -26.74 -9.69
CA GLU B 148 -3.98 -27.57 -10.60
C GLU B 148 -2.85 -26.76 -11.20
N LYS B 149 -3.21 -25.65 -11.83
CA LYS B 149 -2.25 -24.75 -12.46
C LYS B 149 -1.49 -23.85 -11.48
N PHE B 150 -2.07 -23.54 -10.32
CA PHE B 150 -1.46 -22.59 -9.37
C PHE B 150 -1.74 -23.08 -7.96
N PRO B 151 -0.93 -24.03 -7.46
CA PRO B 151 -1.22 -24.73 -6.21
C PRO B 151 -0.86 -23.95 -4.95
N LEU B 152 -1.59 -22.88 -4.68
CA LEU B 152 -1.34 -22.04 -3.52
C LEU B 152 -1.65 -22.77 -2.23
N VAL B 153 -0.76 -22.66 -1.27
CA VAL B 153 -0.94 -23.29 0.03
C VAL B 153 -2.20 -22.70 0.67
N GLU B 154 -2.98 -23.56 1.32
CA GLU B 154 -4.22 -23.14 1.98
C GLU B 154 -3.94 -22.51 3.34
N GLN B 155 -3.57 -21.25 3.27
CA GLN B 155 -3.23 -20.42 4.40
C GLN B 155 -4.47 -19.74 4.99
N THR B 156 -4.41 -19.42 6.28
CA THR B 156 -5.41 -18.59 6.97
C THR B 156 -4.68 -17.32 7.48
N PHE B 157 -5.35 -16.17 7.37
CA PHE B 157 -4.86 -14.87 7.85
C PHE B 157 -5.63 -14.39 9.07
N PHE B 158 -4.88 -13.96 10.07
CA PHE B 158 -5.42 -13.39 11.29
C PHE B 158 -4.92 -11.98 11.51
N PRO B 159 -5.83 -10.99 11.60
CA PRO B 159 -5.38 -9.59 11.74
C PRO B 159 -4.65 -9.33 13.05
N ASN B 160 -4.97 -10.13 14.07
CA ASN B 160 -4.26 -10.12 15.35
C ASN B 160 -4.46 -11.48 16.02
N HIS B 161 -3.96 -11.63 17.23
CA HIS B 161 -3.97 -12.93 17.91
C HIS B 161 -5.36 -13.42 18.33
N LYS B 162 -6.32 -12.50 18.42
CA LYS B 162 -7.60 -12.81 19.09
C LYS B 162 -8.39 -13.99 18.48
N PRO B 163 -8.56 -14.04 17.15
CA PRO B 163 -9.27 -15.17 16.54
C PRO B 163 -8.49 -16.47 16.36
N MET B 164 -7.20 -16.50 16.72
CA MET B 164 -6.39 -17.72 16.66
C MET B 164 -6.73 -18.62 17.80
N VAL B 165 -7.38 -19.73 17.49
CA VAL B 165 -7.79 -20.69 18.53
C VAL B 165 -7.12 -22.02 18.23
N THR B 166 -7.30 -22.49 17.00
CA THR B 166 -6.68 -23.72 16.59
C THR B 166 -6.35 -23.71 15.09
N ALA B 167 -5.97 -24.88 14.59
CA ALA B 167 -5.76 -25.10 13.16
C ALA B 167 -6.43 -26.41 12.78
N PRO B 168 -6.85 -26.55 11.52
CA PRO B 168 -7.48 -27.78 11.03
C PRO B 168 -6.54 -29.02 10.95
N HIS B 169 -5.25 -28.75 10.78
CA HIS B 169 -4.25 -29.80 10.57
C HIS B 169 -2.92 -29.42 11.21
N PHE B 170 -2.39 -30.29 12.07
CA PHE B 170 -1.04 -30.18 12.63
C PHE B 170 -0.09 -31.22 12.01
N PRO B 171 1.20 -30.89 11.86
CA PRO B 171 1.83 -29.66 12.29
C PRO B 171 1.46 -28.49 11.38
N VAL B 172 1.57 -27.30 11.94
CA VAL B 172 1.18 -26.09 11.25
C VAL B 172 2.40 -25.13 11.24
N VAL B 173 2.54 -24.34 10.19
CA VAL B 173 3.54 -23.28 10.18
C VAL B 173 2.84 -21.94 10.45
N VAL B 174 3.21 -21.30 11.56
CA VAL B 174 2.73 -19.96 11.88
C VAL B 174 3.77 -18.96 11.40
N LYS B 175 3.31 -17.92 10.70
CA LYS B 175 4.21 -16.89 10.19
C LYS B 175 3.72 -15.56 10.73
N LEU B 176 4.53 -14.93 11.56
CA LEU B 176 4.16 -13.71 12.25
C LEU B 176 4.57 -12.46 11.47
N GLY B 177 3.66 -11.51 11.35
CA GLY B 177 3.96 -10.18 10.80
C GLY B 177 4.62 -10.18 9.43
N HIS B 178 5.56 -9.26 9.25
CA HIS B 178 6.27 -9.05 7.99
C HIS B 178 7.78 -9.12 8.25
N ALA B 179 8.36 -10.26 7.96
CA ALA B 179 9.73 -10.55 8.36
C ALA B 179 10.34 -11.52 7.38
N HIS B 180 11.67 -11.61 7.39
CA HIS B 180 12.39 -12.30 6.35
C HIS B 180 13.41 -13.26 6.93
N ALA B 181 13.98 -14.06 6.03
CA ALA B 181 15.07 -14.97 6.37
C ALA B 181 14.73 -15.91 7.54
N GLY B 182 13.51 -16.46 7.51
CA GLY B 182 13.06 -17.45 8.49
C GLY B 182 12.55 -16.89 9.81
N MET B 183 12.64 -15.58 9.99
CA MET B 183 12.26 -14.95 11.27
C MET B 183 10.76 -14.91 11.45
N GLY B 184 10.30 -15.23 12.66
CA GLY B 184 8.86 -15.28 12.96
C GLY B 184 8.09 -16.41 12.32
N LYS B 185 8.80 -17.43 11.85
CA LYS B 185 8.18 -18.60 11.24
C LYS B 185 8.50 -19.79 12.12
N ILE B 186 7.42 -20.43 12.57
CA ILE B 186 7.44 -21.41 13.65
C ILE B 186 6.65 -22.65 13.25
N LYS B 187 7.29 -23.81 13.29
CA LYS B 187 6.59 -25.07 13.10
C LYS B 187 5.97 -25.51 14.44
N VAL B 188 4.63 -25.62 14.47
CA VAL B 188 3.89 -25.91 15.69
C VAL B 188 3.29 -27.31 15.57
N GLU B 189 3.61 -28.16 16.54
CA GLU B 189 3.31 -29.59 16.43
C GLU B 189 1.91 -29.99 16.85
N ASN B 190 1.29 -29.21 17.75
CA ASN B 190 0.01 -29.59 18.33
C ASN B 190 -0.77 -28.39 18.92
N GLN B 191 -2.04 -28.64 19.28
CA GLN B 191 -2.94 -27.57 19.82
C GLN B 191 -2.45 -26.91 21.12
N LEU B 192 -1.92 -27.69 22.06
CA LEU B 192 -1.39 -27.12 23.29
C LEU B 192 -0.24 -26.15 23.02
N ASP B 193 0.63 -26.51 22.08
CA ASP B 193 1.75 -25.66 21.72
C ASP B 193 1.28 -24.43 20.97
N PHE B 194 0.31 -24.64 20.09
CA PHE B 194 -0.34 -23.56 19.38
C PHE B 194 -0.91 -22.48 20.31
N GLN B 195 -1.55 -22.88 21.41
CA GLN B 195 -2.06 -21.92 22.38
C GLN B 195 -0.98 -20.96 22.97
N ASP B 196 0.16 -21.52 23.34
CA ASP B 196 1.27 -20.72 23.80
C ASP B 196 1.79 -19.80 22.70
N ILE B 197 1.91 -20.29 21.46
CA ILE B 197 2.37 -19.45 20.35
C ILE B 197 1.43 -18.27 20.16
N THR B 198 0.13 -18.53 20.21
CA THR B 198 -0.89 -17.47 20.12
C THR B 198 -0.65 -16.38 21.21
N SER B 199 -0.30 -16.82 22.41
CA SER B 199 -0.07 -15.88 23.51
C SER B 199 1.17 -14.98 23.33
N VAL B 200 2.17 -15.41 22.56
CA VAL B 200 3.37 -14.60 22.30
C VAL B 200 3.20 -13.80 21.02
N VAL B 201 2.44 -14.33 20.06
CA VAL B 201 2.03 -13.56 18.88
C VAL B 201 1.41 -12.24 19.29
N ALA B 202 0.61 -12.26 20.35
CA ALA B 202 -0.02 -11.06 20.87
C ALA B 202 0.99 -9.96 21.23
N MET B 203 2.19 -10.36 21.65
CA MET B 203 3.19 -9.40 22.12
C MET B 203 3.78 -8.63 20.93
N ALA B 204 3.83 -9.28 19.78
CA ALA B 204 4.29 -8.63 18.54
C ALA B 204 3.30 -7.59 18.02
N LYS B 205 2.07 -7.61 18.53
CA LYS B 205 1.05 -6.63 18.13
C LYS B 205 0.94 -6.51 16.58
N THR B 206 0.87 -7.66 15.92
CA THR B 206 0.79 -7.65 14.48
C THR B 206 -0.06 -8.82 14.04
N TYR B 207 -0.20 -8.97 12.73
CA TYR B 207 -1.00 -10.04 12.19
C TYR B 207 -0.19 -11.32 12.09
N ALA B 208 -0.86 -12.41 11.75
CA ALA B 208 -0.19 -13.70 11.59
C ALA B 208 -0.97 -14.60 10.64
N THR B 209 -0.28 -15.59 10.09
CA THR B 209 -0.90 -16.54 9.17
C THR B 209 -0.59 -17.95 9.64
N THR B 210 -1.50 -18.88 9.39
CA THR B 210 -1.23 -20.30 9.58
C THR B 210 -1.47 -21.06 8.28
N GLU B 211 -0.70 -22.14 8.11
CA GLU B 211 -0.85 -23.06 6.98
C GLU B 211 -0.27 -24.41 7.40
N ALA B 212 -0.75 -25.47 6.75
CA ALA B 212 -0.21 -26.82 6.97
C ALA B 212 1.29 -26.87 6.69
N PHE B 213 2.02 -27.52 7.57
CA PHE B 213 3.41 -27.90 7.30
C PHE B 213 3.47 -29.01 6.22
N ILE B 214 4.23 -28.75 5.16
CA ILE B 214 4.52 -29.71 4.11
C ILE B 214 5.85 -30.41 4.40
N ASP B 215 5.80 -31.74 4.48
CA ASP B 215 7.01 -32.56 4.58
C ASP B 215 7.65 -32.48 3.18
N SER B 216 8.58 -31.55 3.04
CA SER B 216 9.12 -31.12 1.75
C SER B 216 10.52 -31.68 1.51
N LYS B 217 10.75 -32.17 0.30
CA LYS B 217 12.07 -32.60 -0.16
C LYS B 217 13.00 -31.43 -0.43
N TYR B 218 12.44 -30.37 -1.01
CA TYR B 218 13.19 -29.22 -1.41
C TYR B 218 12.26 -28.03 -1.74
N ASP B 219 12.82 -26.84 -1.70
CA ASP B 219 12.16 -25.65 -2.25
C ASP B 219 12.36 -25.63 -3.77
N ILE B 220 11.35 -25.14 -4.49
CA ILE B 220 11.46 -24.81 -5.91
C ILE B 220 11.29 -23.31 -6.01
N ARG B 221 12.26 -22.61 -6.60
CA ARG B 221 12.06 -21.18 -6.88
C ARG B 221 12.19 -20.82 -8.36
N ILE B 222 11.14 -20.18 -8.89
CA ILE B 222 11.09 -19.73 -10.27
C ILE B 222 11.23 -18.22 -10.27
N GLN B 223 12.27 -17.75 -10.95
CA GLN B 223 12.55 -16.34 -11.04
C GLN B 223 12.41 -15.76 -12.44
N LYS B 224 12.17 -14.45 -12.46
CA LYS B 224 12.08 -13.69 -13.68
C LYS B 224 12.83 -12.40 -13.48
N ILE B 225 13.72 -12.12 -14.42
CA ILE B 225 14.47 -10.87 -14.48
C ILE B 225 14.30 -10.39 -15.92
N GLY B 226 13.40 -9.43 -16.12
CA GLY B 226 13.06 -8.99 -17.46
C GLY B 226 12.47 -10.17 -18.20
N SER B 227 13.13 -10.57 -19.26
CA SER B 227 12.71 -11.69 -20.08
C SER B 227 13.55 -12.97 -19.82
N ASN B 228 14.31 -13.00 -18.73
CA ASN B 228 15.15 -14.14 -18.40
C ASN B 228 14.49 -14.93 -17.27
N TYR B 229 14.29 -16.23 -17.49
CA TYR B 229 13.69 -17.13 -16.52
C TYR B 229 14.69 -18.21 -16.05
N LYS B 230 14.74 -18.44 -14.74
CA LYS B 230 15.43 -19.59 -14.14
C LYS B 230 14.59 -20.31 -13.08
N ALA B 231 14.81 -21.61 -13.00
CA ALA B 231 14.21 -22.44 -11.94
C ALA B 231 15.34 -23.13 -11.18
N TYR B 232 15.25 -23.07 -9.85
CA TYR B 232 16.20 -23.73 -8.93
C TYR B 232 15.44 -24.62 -7.97
N MET B 233 16.02 -25.76 -7.64
CA MET B 233 15.61 -26.57 -6.49
C MET B 233 16.65 -26.33 -5.40
N ARG B 234 16.20 -26.34 -4.15
CA ARG B 234 17.05 -26.07 -3.00
C ARG B 234 16.68 -26.97 -1.82
N THR B 235 17.69 -27.67 -1.33
CA THR B 235 17.59 -28.61 -0.21
C THR B 235 18.53 -28.12 0.89
N SER B 236 18.06 -28.09 2.13
CA SER B 236 18.94 -27.81 3.28
C SER B 236 19.92 -28.95 3.48
N ILE B 237 21.21 -28.63 3.56
CA ILE B 237 22.19 -29.66 3.87
C ILE B 237 22.65 -29.54 5.32
N SER B 238 21.83 -28.89 6.13
CA SER B 238 22.16 -28.58 7.52
C SER B 238 20.96 -28.87 8.41
N GLY B 239 20.13 -29.83 7.96
CA GLY B 239 18.94 -30.25 8.69
C GLY B 239 17.87 -29.20 9.01
N ASN B 240 17.57 -28.28 8.09
CA ASN B 240 16.60 -27.19 8.36
C ASN B 240 15.31 -27.29 7.54
N TRP B 241 14.16 -27.35 8.20
CA TRP B 241 12.88 -27.31 7.47
C TRP B 241 12.76 -25.96 6.71
N LYS B 242 13.34 -24.90 7.29
CA LYS B 242 13.49 -23.64 6.58
C LYS B 242 14.67 -23.77 5.63
N ALA B 243 14.39 -24.20 4.41
CA ALA B 243 15.44 -24.57 3.47
C ALA B 243 16.26 -23.38 2.95
N ASN B 244 15.73 -22.17 3.10
CA ASN B 244 16.44 -20.93 2.69
C ASN B 244 17.36 -20.35 3.77
N THR B 245 17.47 -21.06 4.90
CA THR B 245 18.39 -20.69 6.00
C THR B 245 19.52 -21.72 6.11
N GLY B 246 20.70 -21.26 6.47
CA GLY B 246 21.86 -22.14 6.57
C GLY B 246 22.36 -22.62 5.21
N SER B 247 23.29 -23.57 5.26
CA SER B 247 23.88 -24.17 4.05
C SER B 247 22.84 -24.98 3.27
N ALA B 248 22.85 -24.84 1.94
CA ALA B 248 21.92 -25.58 1.10
C ALA B 248 22.61 -26.02 -0.17
N MET B 249 22.07 -27.03 -0.84
CA MET B 249 22.53 -27.28 -2.20
C MET B 249 21.48 -26.82 -3.20
N LEU B 250 21.96 -26.13 -4.21
CA LEU B 250 21.13 -25.55 -5.23
C LEU B 250 21.48 -26.16 -6.58
N GLU B 251 20.45 -26.52 -7.32
CA GLU B 251 20.62 -27.05 -8.65
C GLU B 251 19.62 -26.37 -9.56
N GLN B 252 20.11 -25.87 -10.68
CA GLN B 252 19.23 -25.29 -11.68
C GLN B 252 18.50 -26.44 -12.39
N VAL B 253 17.20 -26.24 -12.60
CA VAL B 253 16.38 -27.22 -13.27
C VAL B 253 15.71 -26.57 -14.49
N ALA B 254 15.26 -27.38 -15.43
CA ALA B 254 14.62 -26.88 -16.64
C ALA B 254 13.36 -26.11 -16.30
N MET B 255 13.15 -24.98 -16.97
CA MET B 255 11.88 -24.29 -16.93
C MET B 255 10.82 -25.14 -17.65
N THR B 256 9.59 -25.05 -17.17
CA THR B 256 8.46 -25.69 -17.82
C THR B 256 7.39 -24.65 -18.08
N GLU B 257 6.41 -25.00 -18.92
CA GLU B 257 5.21 -24.17 -19.06
C GLU B 257 4.50 -23.94 -17.72
N ARG B 258 4.44 -24.97 -16.89
CA ARG B 258 3.79 -24.90 -15.59
C ARG B 258 4.42 -23.80 -14.73
N TYR B 259 5.73 -23.85 -14.61
CA TYR B 259 6.50 -22.87 -13.83
C TYR B 259 6.40 -21.47 -14.46
N ARG B 260 6.49 -21.41 -15.78
CA ARG B 260 6.41 -20.13 -16.50
C ARG B 260 5.08 -19.42 -16.22
N LEU B 261 3.98 -20.17 -16.14
CA LEU B 261 2.66 -19.60 -15.82
C LEU B 261 2.62 -19.06 -14.38
N TRP B 262 3.25 -19.76 -13.46
CA TRP B 262 3.30 -19.32 -12.06
C TRP B 262 3.90 -17.93 -11.95
N VAL B 263 5.08 -17.76 -12.53
CA VAL B 263 5.80 -16.50 -12.40
C VAL B 263 5.22 -15.38 -13.26
N ASP B 264 4.80 -15.73 -14.48
CA ASP B 264 4.17 -14.75 -15.37
C ASP B 264 2.92 -14.14 -14.75
N SER B 265 2.07 -15.02 -14.20
CA SER B 265 0.88 -14.60 -13.47
C SER B 265 1.21 -13.62 -12.36
N CYS B 266 2.20 -14.00 -11.55
CA CYS B 266 2.66 -13.19 -10.43
C CYS B 266 3.21 -11.84 -10.89
N SER B 267 3.87 -11.82 -12.04
CA SER B 267 4.52 -10.61 -12.52
C SER B 267 3.56 -9.52 -12.96
N GLU B 268 2.27 -9.82 -13.07
CA GLU B 268 1.25 -8.85 -13.44
C GLU B 268 0.76 -7.99 -12.27
N MET B 269 1.10 -8.35 -11.04
CA MET B 269 0.55 -7.64 -9.91
C MET B 269 1.15 -6.25 -9.73
N PHE B 270 0.34 -5.38 -9.11
CA PHE B 270 0.70 -4.00 -8.79
C PHE B 270 1.21 -3.21 -10.00
N GLY B 271 0.58 -3.41 -11.14
CA GLY B 271 0.94 -2.70 -12.38
C GLY B 271 2.10 -3.28 -13.16
N GLY B 272 2.69 -4.36 -12.67
CA GLY B 272 3.73 -5.10 -13.37
C GLY B 272 5.01 -5.14 -12.58
N LEU B 273 5.57 -6.35 -12.44
CA LEU B 273 6.86 -6.56 -11.73
C LEU B 273 7.94 -6.92 -12.74
N ASP B 274 9.01 -6.12 -12.79
CA ASP B 274 10.11 -6.37 -13.72
C ASP B 274 10.97 -7.55 -13.26
N ILE B 275 11.17 -7.64 -11.95
CA ILE B 275 11.89 -8.72 -11.33
C ILE B 275 10.94 -9.33 -10.29
N CYS B 276 10.83 -10.66 -10.32
CA CYS B 276 10.10 -11.36 -9.28
C CYS B 276 10.40 -12.84 -9.27
N ALA B 277 10.01 -13.49 -8.19
CA ALA B 277 10.16 -14.93 -8.06
C ALA B 277 8.98 -15.53 -7.29
N VAL B 278 8.66 -16.78 -7.65
CA VAL B 278 7.67 -17.54 -6.94
CA VAL B 278 7.65 -17.60 -7.00
C VAL B 278 8.34 -18.79 -6.35
N LYS B 279 8.05 -19.03 -5.07
CA LYS B 279 8.61 -20.16 -4.35
C LYS B 279 7.53 -21.14 -3.95
N ALA B 280 7.85 -22.42 -4.15
CA ALA B 280 7.01 -23.54 -3.74
C ALA B 280 7.82 -24.54 -2.91
N VAL B 281 7.12 -25.35 -2.13
CA VAL B 281 7.70 -26.50 -1.45
C VAL B 281 7.18 -27.76 -2.14
N HIS B 282 7.99 -28.81 -2.15
CA HIS B 282 7.67 -30.01 -2.91
C HIS B 282 7.59 -31.20 -1.98
N SER B 283 6.40 -31.75 -1.80
CA SER B 283 6.21 -32.81 -0.84
C SER B 283 6.82 -34.13 -1.30
N LYS B 284 7.16 -34.94 -0.32
CA LYS B 284 7.63 -36.30 -0.54
C LYS B 284 6.70 -37.06 -1.48
N ASP B 285 5.38 -36.79 -1.43
CA ASP B 285 4.42 -37.43 -2.36
C ASP B 285 4.32 -36.79 -3.77
N GLY B 286 5.11 -35.76 -4.04
CA GLY B 286 5.26 -35.21 -5.39
C GLY B 286 4.39 -33.98 -5.71
N ARG B 287 3.67 -33.47 -4.71
CA ARG B 287 2.83 -32.28 -4.92
C ARG B 287 3.58 -31.00 -4.56
N ASP B 288 3.36 -29.96 -5.34
CA ASP B 288 3.92 -28.63 -5.09
C ASP B 288 2.89 -27.74 -4.38
N TYR B 289 3.39 -26.91 -3.49
CA TYR B 289 2.58 -25.90 -2.83
C TYR B 289 3.29 -24.56 -2.88
N ILE B 290 2.66 -23.59 -3.54
CA ILE B 290 3.21 -22.22 -3.63
C ILE B 290 3.04 -21.52 -2.29
N ILE B 291 4.15 -20.98 -1.78
CA ILE B 291 4.17 -20.40 -0.41
C ILE B 291 4.56 -18.92 -0.37
N GLU B 292 5.18 -18.39 -1.43
CA GLU B 292 5.71 -17.02 -1.40
C GLU B 292 5.96 -16.47 -2.80
N VAL B 293 5.81 -15.15 -2.92
CA VAL B 293 6.25 -14.39 -4.09
C VAL B 293 7.19 -13.28 -3.61
N MET B 294 8.18 -12.96 -4.44
CA MET B 294 9.21 -11.96 -4.13
C MET B 294 9.38 -11.00 -5.28
N ASP B 295 9.96 -9.85 -5.00
CA ASP B 295 10.05 -8.80 -5.99
C ASP B 295 11.52 -8.49 -6.30
N SER B 296 11.84 -7.23 -6.60
CA SER B 296 13.22 -6.85 -6.95
C SER B 296 14.20 -6.96 -5.80
N SER B 297 13.73 -7.10 -4.57
CA SER B 297 14.63 -7.36 -3.46
C SER B 297 14.85 -8.87 -3.18
N MET B 298 14.42 -9.75 -4.09
CA MET B 298 14.60 -11.20 -3.92
C MET B 298 16.05 -11.55 -3.75
N PRO B 299 16.33 -12.52 -2.88
CA PRO B 299 17.71 -13.01 -2.80
C PRO B 299 18.17 -13.60 -4.13
N LEU B 300 19.41 -13.36 -4.51
CA LEU B 300 19.99 -14.01 -5.65
C LEU B 300 20.64 -15.31 -5.16
N ILE B 301 20.32 -16.41 -5.84
CA ILE B 301 20.70 -17.75 -5.42
C ILE B 301 21.36 -18.57 -6.51
N GLY B 302 21.99 -19.67 -6.09
CA GLY B 302 22.58 -20.62 -7.03
C GLY B 302 23.86 -20.10 -7.66
N GLU B 303 24.24 -20.68 -8.78
CA GLU B 303 25.59 -20.43 -9.34
C GLU B 303 25.67 -19.27 -10.33
N HIS B 304 24.56 -18.59 -10.59
CA HIS B 304 24.51 -17.53 -11.61
C HIS B 304 24.20 -16.17 -11.03
N VAL B 305 24.60 -15.93 -9.78
CA VAL B 305 24.33 -14.66 -9.10
C VAL B 305 24.90 -13.46 -9.89
N GLU B 306 26.13 -13.59 -10.40
CA GLU B 306 26.77 -12.51 -11.17
C GLU B 306 26.11 -12.28 -12.54
N GLU B 307 25.70 -13.35 -13.20
CA GLU B 307 24.93 -13.22 -14.43
C GLU B 307 23.59 -12.53 -14.12
N ASP B 308 22.96 -12.88 -13.00
CA ASP B 308 21.67 -12.29 -12.63
C ASP B 308 21.79 -10.79 -12.37
N ARG B 309 22.84 -10.37 -11.68
CA ARG B 309 23.09 -8.94 -11.48
C ARG B 309 23.31 -8.21 -12.79
N GLN B 310 24.03 -8.87 -13.72
CA GLN B 310 24.28 -8.26 -15.03
C GLN B 310 22.97 -8.11 -15.82
N LEU B 311 22.10 -9.12 -15.73
CA LEU B 311 20.78 -9.07 -16.36
C LEU B 311 19.94 -7.93 -15.78
N MET B 312 20.04 -7.74 -14.46
CA MET B 312 19.39 -6.63 -13.78
C MET B 312 19.89 -5.27 -14.25
N ALA B 313 21.20 -5.12 -14.41
CA ALA B 313 21.79 -3.90 -14.97
C ALA B 313 21.30 -3.62 -16.39
N ASP B 314 21.25 -4.65 -17.22
CA ASP B 314 20.80 -4.51 -18.62
C ASP B 314 19.36 -4.06 -18.66
N LEU B 315 18.56 -4.60 -17.73
CA LEU B 315 17.15 -4.22 -17.56
C LEU B 315 16.98 -2.77 -17.13
N VAL B 316 17.71 -2.35 -16.10
CA VAL B 316 17.70 -0.93 -15.70
C VAL B 316 18.12 -0.01 -16.88
N VAL B 317 19.13 -0.40 -17.62
CA VAL B 317 19.61 0.46 -18.70
C VAL B 317 18.52 0.60 -19.77
N SER B 318 17.84 -0.48 -20.11
CA SER B 318 16.77 -0.40 -21.11
C SER B 318 15.63 0.51 -20.63
N LYS B 319 15.30 0.44 -19.34
CA LYS B 319 14.31 1.34 -18.74
C LYS B 319 14.79 2.80 -18.72
N MET B 320 16.04 3.01 -18.33
CA MET B 320 16.60 4.37 -18.28
C MET B 320 16.63 5.02 -19.67
N SER B 321 16.78 4.18 -20.69
CA SER B 321 16.80 4.67 -22.07
C SER B 321 15.45 5.20 -22.57
N GLN B 322 14.36 4.90 -21.88
CA GLN B 322 13.03 5.41 -22.23
C GLN B 322 12.78 6.84 -21.73
N LEU B 323 13.64 7.32 -20.83
CA LEU B 323 13.49 8.66 -20.24
C LEU B 323 13.97 9.78 -21.19
N PRO B 324 13.55 11.03 -20.94
CA PRO B 324 13.92 12.15 -21.84
C PRO B 324 15.42 12.44 -21.93
CL CL C . -6.12 10.94 13.43
S SO4 D . -20.20 11.09 8.48
O1 SO4 D . -21.19 11.85 9.24
O2 SO4 D . -19.38 10.35 9.42
O3 SO4 D . -20.93 10.18 7.61
O4 SO4 D . -19.33 11.98 7.71
S SO4 E . -13.60 17.53 4.70
O1 SO4 E . -12.76 17.46 5.90
O2 SO4 E . -13.64 16.19 4.13
O3 SO4 E . -14.97 17.89 5.01
O4 SO4 E . -13.02 18.45 3.75
S SO4 F . -31.45 15.31 1.67
O1 SO4 F . -31.57 14.55 0.42
O2 SO4 F . -31.48 16.73 1.31
O3 SO4 F . -32.60 14.93 2.50
O4 SO4 F . -30.23 14.98 2.40
S SO4 G . 3.43 1.06 12.03
O1 SO4 G . 3.40 0.25 10.81
O2 SO4 G . 2.97 2.41 11.70
O3 SO4 G . 2.52 0.41 12.99
O4 SO4 G . 4.78 1.12 12.59
PG ANP H . -9.05 15.08 6.78
O1G ANP H . -8.20 13.87 6.59
O2G ANP H . -10.26 15.07 5.71
O3G ANP H . -9.77 15.12 8.19
PB ANP H . -7.35 17.04 7.80
O1B ANP H . -6.59 16.02 8.52
O2B ANP H . -8.27 17.90 8.60
N3B ANP H . -8.18 16.46 6.53
PA ANP H . -6.32 19.06 5.90
O1A ANP H . -7.54 19.01 5.04
O2A ANP H . -5.01 19.09 5.24
O3A ANP H . -6.25 17.94 7.05
O5' ANP H . -6.34 20.41 6.76
C5' ANP H . -7.47 20.88 7.52
C4' ANP H . -7.91 22.26 7.05
O4' ANP H . -6.83 23.20 7.27
C3' ANP H . -8.23 22.36 5.56
O3' ANP H . -9.59 22.05 5.34
C2' ANP H . -8.02 23.83 5.31
O2' ANP H . -9.20 24.58 5.73
C1' ANP H . -6.82 24.15 6.19
N9 ANP H . -5.56 24.01 5.47
C8 ANP H . -4.87 22.88 5.18
N7 ANP H . -3.78 23.18 4.47
C5 ANP H . -3.78 24.52 4.30
C6 ANP H . -2.92 25.40 3.68
N6 ANP H . -1.80 25.02 3.07
N1 ANP H . -3.24 26.76 3.71
C2 ANP H . -4.40 27.22 4.34
N3 ANP H . -5.21 26.36 4.92
C4 ANP H . -4.91 25.03 4.91
C1 EDO I . 2.73 28.13 -3.24
O1 EDO I . 4.07 27.61 -3.24
C2 EDO I . 1.74 27.02 -2.87
O2 EDO I . 1.54 26.16 -3.98
C1 EDO J . 3.77 28.93 16.27
O1 EDO J . 3.41 27.58 16.02
C2 EDO J . 3.72 29.78 15.01
O2 EDO J . 5.01 29.84 14.42
C1 EDO K . -15.64 11.46 8.81
O1 EDO K . -16.75 10.96 9.56
C2 EDO K . -14.69 10.35 8.39
O2 EDO K . -15.39 9.17 7.97
C1 EDO L . 11.23 29.30 19.27
O1 EDO L . 11.77 30.31 20.15
C2 EDO L . 9.93 28.69 19.82
O2 EDO L . 10.16 28.02 21.05
C1 EDO M . -0.20 26.13 -6.90
O1 EDO M . 1.11 26.57 -6.51
C2 EDO M . -0.22 25.57 -8.32
O2 EDO M . 0.61 24.40 -8.39
CL CL N . 12.98 -9.39 9.39
S SO4 O . 21.83 -10.75 -2.56
O1 SO4 O . 21.35 -10.01 -1.40
O2 SO4 O . 23.19 -11.27 -2.29
O3 SO4 O . 20.91 -11.83 -2.80
O4 SO4 O . 21.97 -9.87 -3.72
S SO4 P . 14.74 -17.36 -1.19
O1 SO4 P . 14.27 -16.97 0.16
O2 SO4 P . 13.98 -18.50 -1.64
O3 SO4 P . 14.47 -16.31 -2.14
O4 SO4 P . 16.19 -17.60 -1.18
PG ANP Q . 11.90 -14.45 2.58
O1G ANP Q . 11.08 -13.21 2.72
O2G ANP Q . 12.24 -14.78 1.04
O3G ANP Q . 13.25 -14.32 3.38
PB ANP Q . 11.13 -16.20 4.71
O1B ANP Q . 10.81 -15.07 5.60
O2B ANP Q . 12.40 -16.97 4.98
N3B ANP Q . 11.09 -15.82 3.10
PA ANP Q . 9.23 -18.32 3.94
O1A ANP Q . 9.89 -18.37 2.64
O2A ANP Q . 7.75 -18.31 4.04
O3A ANP Q . 9.88 -17.19 4.93
O5' ANP Q . 9.64 -19.62 4.71
C5' ANP Q . 11.08 -19.96 4.81
C4' ANP Q . 11.33 -21.40 4.34
O4' ANP Q . 10.64 -22.31 5.20
C3' ANP Q . 10.84 -21.71 2.91
O3' ANP Q . 11.90 -21.48 1.95
C2' ANP Q . 10.55 -23.21 2.98
O2' ANP Q . 11.76 -23.97 2.78
C1' ANP Q . 10.03 -23.38 4.40
N9 ANP Q . 8.54 -23.29 4.50
C8 ANP Q . 7.78 -22.19 4.53
N7 ANP Q . 6.47 -22.50 4.61
C5 ANP Q . 6.43 -23.84 4.66
C6 ANP Q . 5.40 -24.76 4.77
N6 ANP Q . 4.11 -24.43 4.84
N1 ANP Q . 5.74 -26.10 4.78
C2 ANP Q . 7.05 -26.54 4.71
N3 ANP Q . 8.01 -25.64 4.60
C4 ANP Q . 7.74 -24.32 4.59
C1 EDO R . -3.52 -26.46 -3.55
O1 EDO R . -4.14 -25.18 -3.38
C2 EDO R . -2.53 -26.68 -2.42
O2 EDO R . -3.20 -27.24 -1.30
C1 EDO S . -2.75 -28.21 2.46
O1 EDO S . -3.66 -27.56 3.34
C2 EDO S . -1.74 -27.16 2.06
O2 EDO S . -2.28 -26.43 0.96
C1 EDO T . 2.70 4.88 -11.02
O1 EDO T . 2.88 5.26 -9.64
C2 EDO T . 3.98 4.27 -11.60
O2 EDO T . 4.30 3.02 -10.97
#